data_5GJ4
#
_entry.id   5GJ4
#
_cell.length_a   88.790
_cell.length_b   88.790
_cell.length_c   138.100
_cell.angle_alpha   90.00
_cell.angle_beta   90.00
_cell.angle_gamma   120.00
#
_symmetry.space_group_name_H-M   'P 31'
#
loop_
_entity.id
_entity.type
_entity.pdbx_description
1 polymer 'Serine protease subunit NS2B'
2 polymer 'Serine protease NS3'
3 non-polymer 'CHLORIDE ION'
4 water water
#
loop_
_entity_poly.entity_id
_entity_poly.type
_entity_poly.pdbx_seq_one_letter_code
_entity_poly.pdbx_strand_id
1 'polypeptide(L)' GSHMTGKSVDMYIERAGDITWEKDAEVTGNSPRLDVALDESGDFSLVEEDGPPMREKTGKR A,C,E,G
2 'polypeptide(L)'
;SGALWDVPAPKEVKKGETTDGVYRVMTRRLLGSTQVGVGVMQEGVFHTMWHVTKGAALRSGEGRLDPYWGDVKQDLVSYC
GPWKLDAAWDGLSEVQLLAVPPGERAKNIQTLPGIFKTKDGDIGAVALDYPAGTSGSPILDKCGRVIGLYGNGVVIKNGS
YVSAITQGKREEETPVE
;
B,D,F,H
#
loop_
_chem_comp.id
_chem_comp.type
_chem_comp.name
_chem_comp.formula
CL non-polymer 'CHLORIDE ION' 'Cl -1'
#
# COMPACT_ATOMS: atom_id res chain seq x y z
N VAL A 9 -9.19 9.25 -34.99
CA VAL A 9 -8.83 8.16 -35.90
C VAL A 9 -7.48 8.50 -36.54
N ASP A 10 -7.13 9.78 -36.54
CA ASP A 10 -5.91 10.27 -37.18
C ASP A 10 -4.67 10.01 -36.30
N MET A 11 -4.40 8.73 -36.06
CA MET A 11 -3.27 8.33 -35.27
C MET A 11 -2.01 8.22 -36.12
N TYR A 12 -0.87 8.44 -35.48
CA TYR A 12 0.44 8.29 -36.12
C TYR A 12 1.44 7.82 -35.07
N ILE A 13 2.61 7.40 -35.54
CA ILE A 13 3.67 6.96 -34.64
C ILE A 13 4.90 7.84 -34.83
N GLU A 14 5.69 7.96 -33.76
CA GLU A 14 6.97 8.66 -33.76
C GLU A 14 7.98 7.80 -33.01
N ARG A 15 9.19 7.70 -33.54
CA ARG A 15 10.18 6.84 -32.89
C ARG A 15 10.61 7.45 -31.56
N ALA A 16 10.61 6.62 -30.52
CA ALA A 16 10.97 7.07 -29.18
C ALA A 16 12.38 6.71 -28.77
N GLY A 17 12.95 5.65 -29.32
CA GLY A 17 14.33 5.32 -29.01
C GLY A 17 14.64 3.86 -29.26
N ASP A 18 15.90 3.53 -29.01
CA ASP A 18 16.35 2.15 -29.12
C ASP A 18 15.82 1.31 -27.98
N ILE A 19 15.62 0.02 -28.25
CA ILE A 19 15.18 -0.94 -27.26
C ILE A 19 16.40 -1.68 -26.74
N THR A 20 16.79 -1.38 -25.49
CA THR A 20 17.98 -1.97 -24.88
C THR A 20 17.70 -2.31 -23.42
N TRP A 21 18.47 -3.26 -22.90
CA TRP A 21 18.49 -3.57 -21.48
C TRP A 21 19.36 -2.58 -20.73
N GLU A 22 18.92 -2.15 -19.55
CA GLU A 22 19.67 -1.18 -18.78
C GLU A 22 20.36 -1.87 -17.61
N LYS A 23 21.70 -1.81 -17.60
CA LYS A 23 22.49 -2.42 -16.54
C LYS A 23 22.26 -1.65 -15.24
N ASP A 24 21.91 -2.38 -14.19
CA ASP A 24 21.59 -1.80 -12.88
C ASP A 24 20.62 -0.63 -13.02
N ALA A 25 19.42 -0.97 -13.51
CA ALA A 25 18.29 -0.07 -13.57
C ALA A 25 17.50 -0.19 -12.27
N GLU A 26 16.58 0.75 -12.05
CA GLU A 26 15.80 0.73 -10.82
C GLU A 26 15.01 -0.56 -10.72
N VAL A 27 15.15 -1.23 -9.59
CA VAL A 27 14.44 -2.48 -9.33
C VAL A 27 13.33 -2.18 -8.34
N THR A 28 12.08 -2.48 -8.75
CA THR A 28 10.94 -2.26 -7.88
C THR A 28 9.82 -3.22 -8.29
N GLY A 29 8.75 -3.19 -7.51
CA GLY A 29 7.59 -4.01 -7.80
C GLY A 29 7.60 -5.33 -7.07
N ASN A 30 6.41 -5.80 -6.69
CA ASN A 30 6.29 -7.09 -6.03
C ASN A 30 6.18 -8.19 -7.07
N SER A 31 6.11 -9.44 -6.60
CA SER A 31 5.92 -10.61 -7.46
C SER A 31 4.58 -11.23 -7.11
N PRO A 32 3.50 -10.81 -7.76
CA PRO A 32 2.17 -11.26 -7.36
C PRO A 32 1.82 -12.65 -7.86
N ARG A 33 0.78 -13.21 -7.25
CA ARG A 33 0.26 -14.53 -7.61
C ARG A 33 -1.27 -14.40 -7.60
N LEU A 34 -1.86 -14.27 -8.79
CA LEU A 34 -3.24 -13.86 -8.91
C LEU A 34 -4.02 -14.83 -9.78
N ASP A 35 -5.18 -15.26 -9.27
CA ASP A 35 -6.16 -16.00 -10.08
C ASP A 35 -7.02 -15.01 -10.84
N VAL A 36 -6.97 -15.07 -12.16
CA VAL A 36 -7.69 -14.10 -12.99
C VAL A 36 -8.52 -14.84 -14.03
N ALA A 37 -9.45 -14.10 -14.63
CA ALA A 37 -10.26 -14.61 -15.73
C ALA A 37 -10.20 -13.62 -16.87
N LEU A 38 -10.04 -14.13 -18.09
CA LEU A 38 -9.89 -13.29 -19.28
C LEU A 38 -11.06 -13.56 -20.21
N ASP A 39 -11.82 -12.51 -20.53
CA ASP A 39 -13.01 -12.67 -21.34
C ASP A 39 -12.70 -12.43 -22.82
N GLU A 40 -13.72 -12.62 -23.67
CA GLU A 40 -13.54 -12.49 -25.11
C GLU A 40 -13.21 -11.07 -25.54
N SER A 41 -13.48 -10.08 -24.70
CA SER A 41 -13.11 -8.70 -24.99
C SER A 41 -11.68 -8.37 -24.61
N GLY A 42 -10.92 -9.35 -24.09
CA GLY A 42 -9.55 -9.11 -23.69
C GLY A 42 -9.39 -8.47 -22.33
N ASP A 43 -10.43 -8.48 -21.51
CA ASP A 43 -10.40 -7.85 -20.20
C ASP A 43 -10.18 -8.90 -19.13
N PHE A 44 -9.17 -8.69 -18.29
CA PHE A 44 -8.92 -9.55 -17.16
C PHE A 44 -9.79 -9.17 -15.97
N SER A 45 -10.17 -10.17 -15.19
CA SER A 45 -10.93 -10.00 -13.97
C SER A 45 -10.17 -10.64 -12.81
N LEU A 46 -10.66 -10.40 -11.60
CA LEU A 46 -10.08 -10.96 -10.40
C LEU A 46 -10.99 -12.05 -9.87
N VAL A 47 -10.40 -13.12 -9.36
CA VAL A 47 -11.17 -14.23 -8.81
C VAL A 47 -10.88 -14.38 -7.32
N THR A 58 -10.30 0.43 -15.47
CA THR A 58 -10.01 -0.60 -16.46
C THR A 58 -8.60 -1.15 -16.29
N GLY A 59 -8.40 -2.38 -16.73
CA GLY A 59 -7.12 -3.03 -16.74
C GLY A 59 -6.26 -2.69 -17.93
N LYS A 60 -6.72 -1.81 -18.80
CA LYS A 60 -6.01 -1.46 -20.01
C LYS A 60 -5.51 -0.01 -19.90
N ARG A 61 -4.21 0.17 -20.08
CA ARG A 61 -3.61 1.48 -19.92
C ARG A 61 -3.13 2.04 -21.25
N THR B 19 14.80 1.06 -38.85
CA THR B 19 13.47 1.47 -38.43
C THR B 19 13.07 0.76 -37.12
N ASP B 20 13.86 -0.23 -36.71
CA ASP B 20 13.61 -0.91 -35.45
C ASP B 20 13.68 0.08 -34.29
N GLY B 21 12.87 -0.18 -33.26
CA GLY B 21 12.87 0.64 -32.07
C GLY B 21 11.50 0.66 -31.43
N VAL B 22 11.40 1.42 -30.33
CA VAL B 22 10.13 1.64 -29.64
C VAL B 22 9.56 2.96 -30.12
N TYR B 23 8.24 3.01 -30.30
CA TYR B 23 7.57 4.18 -30.87
C TYR B 23 6.46 4.64 -29.95
N ARG B 24 6.23 5.94 -29.93
CA ARG B 24 5.04 6.51 -29.31
C ARG B 24 3.92 6.52 -30.34
N VAL B 25 2.76 6.02 -29.94
CA VAL B 25 1.56 6.08 -30.75
C VAL B 25 0.83 7.36 -30.35
N MET B 26 0.72 8.29 -31.28
CA MET B 26 0.13 9.60 -31.02
C MET B 26 -1.18 9.74 -31.77
N THR B 27 -1.95 10.75 -31.38
CA THR B 27 -3.15 11.14 -32.09
C THR B 27 -3.15 12.64 -32.28
N ARG B 28 -3.62 13.07 -33.45
CA ARG B 28 -3.72 14.49 -33.75
C ARG B 28 -4.94 15.05 -33.05
N ARG B 29 -4.75 16.09 -32.27
CA ARG B 29 -5.80 16.77 -31.54
C ARG B 29 -6.07 18.12 -32.19
N LEU B 30 -7.08 18.83 -31.68
CA LEU B 30 -7.38 20.16 -32.18
C LEU B 30 -6.27 21.14 -31.80
N LEU B 31 -5.76 21.05 -30.58
CA LEU B 31 -4.71 21.94 -30.11
C LEU B 31 -3.34 21.45 -30.55
N GLY B 32 -2.93 20.28 -30.05
CA GLY B 32 -1.64 19.71 -30.43
C GLY B 32 -1.72 18.22 -30.73
N SER B 33 -1.15 17.41 -29.85
CA SER B 33 -1.19 15.96 -30.02
C SER B 33 -1.23 15.31 -28.64
N THR B 34 -1.67 14.05 -28.61
CA THR B 34 -1.79 13.30 -27.35
C THR B 34 -1.30 11.87 -27.58
N GLN B 35 -0.49 11.36 -26.66
CA GLN B 35 -0.01 9.99 -26.74
C GLN B 35 -1.10 9.04 -26.25
N VAL B 36 -1.48 8.10 -27.11
CA VAL B 36 -2.49 7.11 -26.78
C VAL B 36 -1.89 5.75 -26.46
N GLY B 37 -0.66 5.49 -26.87
CA GLY B 37 -0.05 4.21 -26.59
C GLY B 37 1.40 4.16 -27.03
N VAL B 38 1.93 2.95 -27.03
CA VAL B 38 3.32 2.68 -27.37
C VAL B 38 3.33 1.43 -28.26
N GLY B 39 4.40 1.30 -29.05
CA GLY B 39 4.55 0.12 -29.89
C GLY B 39 6.00 -0.23 -30.13
N VAL B 40 6.19 -1.42 -30.73
CA VAL B 40 7.51 -1.97 -31.03
C VAL B 40 7.61 -2.25 -32.51
N MET B 41 8.66 -1.73 -33.14
CA MET B 41 8.98 -2.03 -34.53
C MET B 41 10.12 -3.02 -34.57
N GLN B 42 9.89 -4.17 -35.20
CA GLN B 42 10.93 -5.17 -35.35
C GLN B 42 10.67 -5.95 -36.64
N GLU B 43 11.72 -6.10 -37.46
CA GLU B 43 11.65 -6.86 -38.71
C GLU B 43 10.56 -6.31 -39.64
N GLY B 44 10.44 -4.98 -39.69
CA GLY B 44 9.48 -4.33 -40.56
C GLY B 44 8.04 -4.40 -40.11
N VAL B 45 7.76 -4.95 -38.93
CA VAL B 45 6.41 -5.11 -38.42
C VAL B 45 6.26 -4.26 -37.17
N PHE B 46 5.15 -3.53 -37.09
CA PHE B 46 4.85 -2.70 -35.92
C PHE B 46 3.89 -3.44 -35.00
N HIS B 47 4.29 -3.62 -33.75
CA HIS B 47 3.51 -4.36 -32.78
C HIS B 47 3.02 -3.43 -31.69
N THR B 48 1.74 -3.50 -31.36
CA THR B 48 1.21 -2.77 -30.22
C THR B 48 -0.02 -3.53 -29.69
N MET B 49 -0.75 -2.89 -28.80
CA MET B 49 -1.94 -3.47 -28.19
C MET B 49 -3.17 -3.14 -29.01
N TRP B 50 -4.09 -4.09 -29.12
CA TRP B 50 -5.29 -3.86 -29.91
C TRP B 50 -6.06 -2.64 -29.42
N HIS B 51 -6.20 -2.51 -28.10
CA HIS B 51 -7.00 -1.42 -27.57
C HIS B 51 -6.35 -0.05 -27.77
N VAL B 52 -5.07 0.00 -28.15
CA VAL B 52 -4.43 1.29 -28.38
C VAL B 52 -4.95 1.91 -29.67
N THR B 53 -4.94 1.15 -30.76
CA THR B 53 -5.33 1.65 -32.07
C THR B 53 -6.69 1.16 -32.53
N LYS B 54 -7.15 0.01 -32.03
CA LYS B 54 -8.42 -0.59 -32.44
C LYS B 54 -8.46 -0.81 -33.96
N GLY B 55 -7.33 -1.24 -34.52
CA GLY B 55 -7.25 -1.54 -35.94
C GLY B 55 -7.16 -0.35 -36.86
N ALA B 56 -7.00 0.86 -36.33
CA ALA B 56 -6.89 2.04 -37.19
C ALA B 56 -5.54 2.05 -37.91
N ALA B 57 -5.54 2.67 -39.09
CA ALA B 57 -4.30 2.87 -39.82
C ALA B 57 -3.44 3.91 -39.10
N LEU B 58 -2.13 3.82 -39.33
CA LEU B 58 -1.16 4.67 -38.66
C LEU B 58 -0.32 5.39 -39.70
N ARG B 59 -0.29 6.71 -39.66
CA ARG B 59 0.71 7.43 -40.44
C ARG B 59 2.07 7.24 -39.79
N SER B 60 3.11 7.28 -40.61
CA SER B 60 4.45 6.94 -40.13
C SER B 60 5.47 7.42 -41.17
N GLY B 61 6.75 7.37 -40.79
CA GLY B 61 7.81 7.74 -41.69
C GLY B 61 7.85 6.88 -42.95
N GLU B 62 7.24 5.71 -42.92
CA GLU B 62 7.13 4.83 -44.07
C GLU B 62 5.78 4.97 -44.77
N GLY B 63 4.98 5.94 -44.39
CA GLY B 63 3.65 6.12 -44.94
C GLY B 63 2.61 5.40 -44.12
N ARG B 64 1.40 5.35 -44.68
CA ARG B 64 0.29 4.69 -44.01
C ARG B 64 0.65 3.25 -43.69
N LEU B 65 0.32 2.81 -42.48
CA LEU B 65 0.50 1.43 -42.07
C LEU B 65 -0.87 0.82 -41.77
N ASP B 66 -1.11 -0.37 -42.30
CA ASP B 66 -2.39 -1.04 -42.13
C ASP B 66 -2.21 -2.28 -41.26
N PRO B 67 -3.23 -2.65 -40.48
CA PRO B 67 -3.10 -3.85 -39.65
C PRO B 67 -3.07 -5.11 -40.50
N TYR B 68 -2.21 -6.04 -40.11
CA TYR B 68 -2.01 -7.32 -40.77
C TYR B 68 -2.60 -8.48 -39.99
N TRP B 69 -2.49 -8.44 -38.67
CA TRP B 69 -3.05 -9.47 -37.81
C TRP B 69 -3.53 -8.82 -36.53
N GLY B 70 -4.61 -9.34 -35.99
CA GLY B 70 -5.17 -8.79 -34.76
C GLY B 70 -5.85 -9.87 -33.94
N ASP B 71 -5.84 -9.67 -32.63
CA ASP B 71 -6.55 -10.55 -31.69
C ASP B 71 -7.08 -9.69 -30.57
N VAL B 72 -8.41 -9.53 -30.51
CA VAL B 72 -9.00 -8.70 -29.48
C VAL B 72 -8.84 -9.35 -28.11
N LYS B 73 -8.98 -10.68 -28.06
CA LYS B 73 -8.88 -11.38 -26.79
C LYS B 73 -7.47 -11.30 -26.21
N GLN B 74 -6.46 -11.48 -27.07
CA GLN B 74 -5.09 -11.26 -26.63
C GLN B 74 -4.74 -9.79 -26.54
N ASP B 75 -5.57 -8.90 -27.10
CA ASP B 75 -5.31 -7.46 -27.09
C ASP B 75 -3.99 -7.14 -27.77
N LEU B 76 -3.79 -7.72 -28.94
CA LEU B 76 -2.58 -7.51 -29.73
C LEU B 76 -2.98 -7.19 -31.18
N VAL B 77 -2.10 -6.46 -31.86
CA VAL B 77 -2.31 -6.10 -33.25
C VAL B 77 -0.95 -5.92 -33.91
N SER B 78 -0.88 -6.24 -35.19
CA SER B 78 0.35 -6.27 -35.95
C SER B 78 0.15 -5.50 -37.25
N TYR B 79 1.13 -4.67 -37.60
CA TYR B 79 1.06 -3.86 -38.82
C TYR B 79 2.15 -4.27 -39.80
N CYS B 80 1.79 -4.33 -41.08
CA CYS B 80 2.70 -4.57 -42.21
C CYS B 80 3.16 -6.03 -42.32
N GLY B 81 2.89 -6.84 -41.30
CA GLY B 81 3.29 -8.23 -41.33
C GLY B 81 2.79 -9.00 -40.12
N PRO B 82 3.03 -10.32 -40.12
CA PRO B 82 2.60 -11.13 -38.98
C PRO B 82 3.42 -10.82 -37.74
N TRP B 83 2.88 -11.21 -36.59
CA TRP B 83 3.55 -10.98 -35.32
C TRP B 83 4.95 -11.59 -35.36
N LYS B 84 5.96 -10.78 -35.03
CA LYS B 84 7.35 -11.19 -35.11
C LYS B 84 8.00 -11.41 -33.77
N LEU B 85 7.40 -10.92 -32.68
CA LEU B 85 8.03 -10.99 -31.37
C LEU B 85 7.81 -12.37 -30.79
N ASP B 86 8.89 -12.99 -30.33
CA ASP B 86 8.84 -14.40 -29.94
C ASP B 86 9.53 -14.72 -28.63
N ALA B 87 10.34 -13.83 -28.06
CA ALA B 87 11.00 -14.14 -26.80
C ALA B 87 9.98 -14.40 -25.70
N ALA B 88 10.36 -15.25 -24.76
CA ALA B 88 9.47 -15.67 -23.68
C ALA B 88 10.15 -15.45 -22.35
N TRP B 89 9.34 -15.14 -21.34
CA TRP B 89 9.85 -15.03 -19.98
C TRP B 89 10.36 -16.37 -19.50
N ASP B 90 11.53 -16.35 -18.83
CA ASP B 90 12.15 -17.54 -18.30
C ASP B 90 11.30 -18.25 -17.25
N GLY B 91 10.41 -17.52 -16.58
CA GLY B 91 9.69 -18.02 -15.43
C GLY B 91 10.46 -17.91 -14.13
N LEU B 92 11.71 -17.49 -14.17
CA LEU B 92 12.62 -17.35 -13.05
C LEU B 92 13.34 -16.01 -13.03
N SER B 93 13.69 -15.49 -14.21
CA SER B 93 14.64 -14.39 -14.28
C SER B 93 13.95 -13.05 -14.19
N GLU B 94 14.73 -12.04 -13.83
CA GLU B 94 14.21 -10.68 -13.77
C GLU B 94 14.09 -10.10 -15.18
N VAL B 95 13.12 -9.21 -15.34
CA VAL B 95 12.84 -8.59 -16.63
C VAL B 95 12.90 -7.08 -16.43
N GLN B 96 12.90 -6.36 -17.56
CA GLN B 96 12.90 -4.91 -17.55
C GLN B 96 11.73 -4.39 -18.37
N LEU B 97 10.96 -3.48 -17.79
CA LEU B 97 9.96 -2.72 -18.53
C LEU B 97 10.61 -1.46 -19.09
N LEU B 98 10.51 -1.27 -20.39
CA LEU B 98 10.91 -0.01 -21.01
C LEU B 98 9.66 0.85 -21.13
N ALA B 99 9.31 1.49 -20.02
CA ALA B 99 8.10 2.29 -19.96
C ALA B 99 8.28 3.58 -20.75
N VAL B 100 7.33 3.87 -21.62
CA VAL B 100 7.33 5.10 -22.40
C VAL B 100 6.02 5.83 -22.07
N PRO B 101 5.93 6.52 -20.94
CA PRO B 101 4.66 7.10 -20.53
C PRO B 101 4.41 8.42 -21.23
N PRO B 102 3.15 8.84 -21.39
CA PRO B 102 2.87 10.11 -22.06
C PRO B 102 3.55 11.27 -21.36
N GLY B 103 4.21 12.10 -22.16
CA GLY B 103 4.85 13.29 -21.65
C GLY B 103 6.00 13.04 -20.68
N GLU B 104 6.46 11.79 -20.58
CA GLU B 104 7.56 11.46 -19.68
C GLU B 104 8.66 10.78 -20.47
N ARG B 105 9.87 10.77 -19.90
CA ARG B 105 10.98 10.17 -20.60
C ARG B 105 10.97 8.65 -20.42
N ALA B 106 11.45 7.94 -21.44
CA ALA B 106 11.49 6.49 -21.39
C ALA B 106 12.37 6.03 -20.24
N LYS B 107 11.90 5.00 -19.55
CA LYS B 107 12.54 4.53 -18.33
C LYS B 107 12.55 3.01 -18.29
N ASN B 108 13.70 2.46 -17.92
CA ASN B 108 13.84 1.03 -17.68
C ASN B 108 13.59 0.71 -16.21
N ILE B 109 12.68 -0.22 -15.95
CA ILE B 109 12.34 -0.65 -14.60
C ILE B 109 12.54 -2.16 -14.54
N GLN B 110 13.46 -2.60 -13.71
CA GLN B 110 13.74 -4.02 -13.58
C GLN B 110 12.89 -4.60 -12.45
N THR B 111 12.37 -5.80 -12.68
CA THR B 111 11.47 -6.39 -11.72
C THR B 111 11.45 -7.90 -11.93
N LEU B 112 11.07 -8.62 -10.88
CA LEU B 112 10.87 -10.05 -10.97
C LEU B 112 9.37 -10.31 -11.14
N PRO B 113 8.93 -10.83 -12.28
CA PRO B 113 7.50 -10.92 -12.54
C PRO B 113 6.80 -11.89 -11.59
N GLY B 114 5.52 -11.63 -11.37
CA GLY B 114 4.62 -12.59 -10.77
C GLY B 114 3.96 -13.44 -11.83
N ILE B 115 2.79 -13.99 -11.49
CA ILE B 115 2.10 -14.91 -12.39
C ILE B 115 0.59 -14.71 -12.27
N PHE B 116 -0.08 -14.58 -13.42
CA PHE B 116 -1.53 -14.72 -13.49
C PHE B 116 -1.86 -16.19 -13.71
N LYS B 117 -2.81 -16.71 -12.93
CA LYS B 117 -3.28 -18.07 -13.11
C LYS B 117 -4.64 -18.04 -13.82
N THR B 118 -4.69 -18.65 -14.99
CA THR B 118 -5.89 -18.83 -15.78
C THR B 118 -6.32 -20.29 -15.67
N LYS B 119 -7.62 -20.54 -15.75
CA LYS B 119 -8.09 -21.92 -15.79
C LYS B 119 -7.58 -22.68 -17.00
N ASP B 120 -6.92 -22.01 -17.95
CA ASP B 120 -6.40 -22.67 -19.13
C ASP B 120 -4.88 -22.56 -19.26
N GLY B 121 -4.19 -22.01 -18.28
CA GLY B 121 -2.75 -21.94 -18.36
C GLY B 121 -2.18 -20.81 -17.52
N ASP B 122 -0.93 -20.48 -17.81
CA ASP B 122 -0.12 -19.57 -17.03
C ASP B 122 0.40 -18.42 -17.89
N ILE B 123 0.48 -17.23 -17.30
CA ILE B 123 1.12 -16.10 -17.96
C ILE B 123 1.82 -15.26 -16.91
N GLY B 124 3.03 -14.80 -17.22
CA GLY B 124 3.73 -13.88 -16.35
C GLY B 124 3.03 -12.54 -16.23
N ALA B 125 3.35 -11.83 -15.15
CA ALA B 125 2.71 -10.55 -14.86
C ALA B 125 3.67 -9.67 -14.07
N VAL B 126 3.76 -8.40 -14.45
CA VAL B 126 4.64 -7.44 -13.80
C VAL B 126 3.79 -6.47 -12.98
N ALA B 127 4.22 -6.22 -11.75
CA ALA B 127 3.53 -5.28 -10.86
C ALA B 127 4.20 -3.91 -10.93
N LEU B 128 3.99 -3.25 -12.07
CA LEU B 128 4.51 -1.92 -12.33
C LEU B 128 3.36 -1.06 -12.82
N ASP B 129 3.17 0.10 -12.21
CA ASP B 129 1.98 0.91 -12.41
C ASP B 129 2.33 2.17 -13.20
N TYR B 130 1.77 2.28 -14.40
CA TYR B 130 2.03 3.41 -15.28
C TYR B 130 0.73 3.84 -15.93
N PRO B 131 0.59 5.13 -16.23
CA PRO B 131 -0.73 5.65 -16.59
C PRO B 131 -1.16 5.24 -17.99
N ALA B 132 -2.44 5.46 -18.25
CA ALA B 132 -3.02 5.24 -19.57
C ALA B 132 -2.21 5.97 -20.63
N GLY B 133 -1.92 5.27 -21.72
CA GLY B 133 -1.04 5.76 -22.75
C GLY B 133 0.31 5.10 -22.75
N THR B 134 0.64 4.37 -21.69
CA THR B 134 1.87 3.59 -21.66
C THR B 134 1.69 2.20 -22.26
N SER B 135 0.45 1.77 -22.53
CA SER B 135 0.21 0.47 -23.11
C SER B 135 1.00 0.27 -24.39
N GLY B 136 1.58 -0.92 -24.55
CA GLY B 136 2.42 -1.21 -25.68
C GLY B 136 3.90 -1.07 -25.39
N SER B 137 4.27 -0.63 -24.21
CA SER B 137 5.68 -0.52 -23.83
C SER B 137 6.30 -1.91 -23.76
N PRO B 138 7.51 -2.11 -24.26
CA PRO B 138 8.08 -3.44 -24.32
C PRO B 138 8.65 -3.92 -23.00
N ILE B 139 8.48 -5.20 -22.72
CA ILE B 139 9.13 -5.88 -21.61
C ILE B 139 10.22 -6.74 -22.20
N LEU B 140 11.44 -6.61 -21.67
CA LEU B 140 12.63 -7.21 -22.26
C LEU B 140 13.25 -8.25 -21.34
N ASP B 141 14.06 -9.13 -21.94
CA ASP B 141 14.95 -10.01 -21.19
C ASP B 141 16.37 -9.42 -21.20
N LYS B 142 17.30 -10.14 -20.54
CA LYS B 142 18.68 -9.67 -20.43
C LYS B 142 19.30 -9.39 -21.79
N CYS B 143 18.89 -10.12 -22.82
CA CYS B 143 19.44 -9.99 -24.16
C CYS B 143 18.78 -8.88 -24.97
N GLY B 144 17.74 -8.24 -24.44
CA GLY B 144 17.10 -7.13 -25.10
C GLY B 144 15.93 -7.45 -26.00
N ARG B 145 15.44 -8.69 -26.01
CA ARG B 145 14.31 -9.06 -26.85
C ARG B 145 13.00 -8.78 -26.11
N VAL B 146 12.00 -8.36 -26.88
CA VAL B 146 10.68 -8.11 -26.33
C VAL B 146 10.04 -9.45 -25.96
N ILE B 147 9.91 -9.72 -24.66
CA ILE B 147 9.20 -10.90 -24.19
C ILE B 147 7.71 -10.64 -24.04
N GLY B 148 7.26 -9.42 -24.32
CA GLY B 148 5.85 -9.09 -24.23
C GLY B 148 5.63 -7.60 -24.21
N LEU B 149 4.35 -7.23 -24.26
CA LEU B 149 3.93 -5.84 -24.23
C LEU B 149 3.18 -5.54 -22.94
N TYR B 150 3.38 -4.33 -22.42
CA TYR B 150 2.79 -3.88 -21.17
C TYR B 150 1.46 -3.18 -21.41
N GLY B 151 0.56 -3.31 -20.43
CA GLY B 151 -0.62 -2.45 -20.41
C GLY B 151 -1.98 -3.11 -20.44
N ASN B 152 -2.04 -4.44 -20.31
CA ASN B 152 -3.31 -5.14 -20.16
C ASN B 152 -3.25 -6.01 -18.93
N GLY B 153 -4.10 -5.71 -17.95
CA GLY B 153 -4.08 -6.45 -16.70
C GLY B 153 -5.28 -6.17 -15.84
N VAL B 154 -5.06 -5.98 -14.54
CA VAL B 154 -6.13 -5.74 -13.57
C VAL B 154 -5.69 -4.66 -12.61
N VAL B 155 -6.68 -4.01 -12.01
CA VAL B 155 -6.46 -3.12 -10.87
C VAL B 155 -6.68 -3.94 -9.60
N ILE B 156 -5.64 -4.00 -8.76
CA ILE B 156 -5.70 -4.79 -7.53
C ILE B 156 -6.46 -4.02 -6.45
N LYS B 157 -6.99 -4.78 -5.49
CA LYS B 157 -7.84 -4.25 -4.42
C LYS B 157 -7.25 -3.00 -3.75
N ASN B 158 -5.93 -2.90 -3.65
CA ASN B 158 -5.31 -1.71 -3.06
C ASN B 158 -5.10 -0.59 -4.08
N GLY B 159 -5.70 -0.70 -5.28
CA GLY B 159 -5.63 0.34 -6.29
C GLY B 159 -4.46 0.25 -7.24
N SER B 160 -3.43 -0.53 -6.92
CA SER B 160 -2.27 -0.63 -7.79
C SER B 160 -2.60 -1.52 -8.99
N TYR B 161 -1.72 -1.46 -9.99
CA TYR B 161 -1.94 -2.07 -11.29
C TYR B 161 -0.90 -3.16 -11.53
N VAL B 162 -1.37 -4.32 -11.99
CA VAL B 162 -0.50 -5.43 -12.37
C VAL B 162 -0.82 -5.76 -13.83
N SER B 163 0.20 -5.74 -14.67
CA SER B 163 0.05 -6.00 -16.09
C SER B 163 0.57 -7.38 -16.45
N ALA B 164 -0.19 -8.09 -17.29
CA ALA B 164 0.34 -9.34 -17.83
C ALA B 164 1.46 -9.04 -18.83
N ILE B 165 2.32 -10.03 -19.01
CA ILE B 165 3.34 -10.01 -20.08
C ILE B 165 2.66 -10.61 -21.30
N THR B 166 2.02 -9.76 -22.10
CA THR B 166 1.25 -10.23 -23.25
C THR B 166 2.19 -10.44 -24.44
N GLN B 167 2.30 -11.67 -24.91
CA GLN B 167 3.14 -12.00 -26.05
C GLN B 167 2.29 -12.69 -27.12
N GLY B 168 2.60 -12.48 -28.39
CA GLY B 168 1.81 -13.02 -29.48
C GLY B 168 2.37 -14.30 -30.08
N LYS B 169 1.46 -15.19 -30.51
CA LYS B 169 1.92 -16.30 -31.34
C LYS B 169 2.52 -15.70 -32.60
N ARG B 170 3.58 -16.34 -33.10
CA ARG B 170 4.29 -15.86 -34.27
C ARG B 170 4.17 -16.93 -35.35
N GLU B 171 3.50 -16.56 -36.43
CA GLU B 171 3.26 -17.48 -37.54
C GLU B 171 3.02 -16.72 -38.83
N VAL C 9 -33.87 -5.71 17.18
CA VAL C 9 -32.77 -6.52 17.66
C VAL C 9 -32.83 -6.68 19.19
N ASP C 10 -31.68 -6.99 19.79
CA ASP C 10 -31.59 -7.34 21.20
C ASP C 10 -30.14 -7.26 21.68
N MET C 11 -29.57 -6.06 21.69
CA MET C 11 -28.18 -5.92 22.08
C MET C 11 -28.00 -5.81 23.59
N TYR C 12 -26.81 -6.21 24.03
CA TYR C 12 -26.40 -6.15 25.42
C TYR C 12 -24.90 -5.87 25.45
N ILE C 13 -24.39 -5.51 26.64
CA ILE C 13 -22.97 -5.26 26.80
C ILE C 13 -22.38 -6.25 27.80
N GLU C 14 -21.11 -6.58 27.60
CA GLU C 14 -20.36 -7.41 28.53
C GLU C 14 -18.94 -6.87 28.66
N ARG C 15 -18.42 -6.87 29.88
CA ARG C 15 -17.15 -6.23 30.13
C ARG C 15 -16.01 -6.98 29.44
N ALA C 16 -15.14 -6.23 28.76
CA ALA C 16 -14.02 -6.78 28.03
C ALA C 16 -12.69 -6.66 28.76
N GLY C 17 -12.53 -5.66 29.62
CA GLY C 17 -11.30 -5.54 30.39
C GLY C 17 -11.09 -4.13 30.87
N ASP C 18 -9.97 -3.96 31.59
CA ASP C 18 -9.58 -2.65 32.07
C ASP C 18 -9.05 -1.80 30.91
N ILE C 19 -9.22 -0.50 31.04
CA ILE C 19 -8.72 0.46 30.07
C ILE C 19 -7.38 0.97 30.59
N THR C 20 -6.29 0.53 29.95
CA THR C 20 -4.96 0.90 30.42
C THR C 20 -4.07 1.19 29.22
N TRP C 21 -3.08 2.04 29.45
CA TRP C 21 -1.98 2.22 28.51
C TRP C 21 -0.96 1.12 28.73
N GLU C 22 -0.46 0.53 27.65
CA GLU C 22 0.51 -0.54 27.73
C GLU C 22 1.89 -0.04 27.30
N LYS C 23 2.88 -0.23 28.17
CA LYS C 23 4.24 0.19 27.88
C LYS C 23 4.87 -0.69 26.81
N ASP C 24 5.66 -0.07 25.93
CA ASP C 24 6.27 -0.74 24.79
C ASP C 24 5.25 -1.59 24.04
N ALA C 25 4.20 -0.93 23.60
CA ALA C 25 3.22 -1.58 22.75
C ALA C 25 3.63 -1.39 21.29
N GLU C 26 3.04 -2.19 20.43
CA GLU C 26 3.39 -2.12 19.02
C GLU C 26 3.02 -0.75 18.46
N VAL C 27 3.98 -0.12 17.81
CA VAL C 27 3.79 1.19 17.20
C VAL C 27 3.67 0.99 15.70
N THR C 28 2.56 1.42 15.12
CA THR C 28 2.38 1.30 13.68
C THR C 28 1.42 2.39 13.21
N GLY C 29 1.31 2.50 11.89
CA GLY C 29 0.42 3.47 11.28
C GLY C 29 1.11 4.78 10.96
N ASN C 30 0.73 5.40 9.84
CA ASN C 30 1.26 6.69 9.47
C ASN C 30 0.41 7.81 10.07
N SER C 31 0.82 9.05 9.81
CA SER C 31 0.11 10.25 10.25
C SER C 31 -0.39 11.00 9.02
N PRO C 32 -1.60 10.73 8.55
CA PRO C 32 -2.08 11.34 7.31
C PRO C 32 -2.56 12.77 7.53
N ARG C 33 -2.78 13.45 6.40
CA ARG C 33 -3.26 14.83 6.39
C ARG C 33 -4.30 14.91 5.28
N LEU C 34 -5.58 14.97 5.67
CA LEU C 34 -6.68 14.75 4.74
C LEU C 34 -7.71 15.86 4.84
N ASP C 35 -8.13 16.35 3.68
CA ASP C 35 -9.29 17.23 3.58
C ASP C 35 -10.55 16.37 3.55
N VAL C 36 -11.42 16.54 4.53
CA VAL C 36 -12.62 15.73 4.64
C VAL C 36 -13.83 16.62 4.81
N ALA C 37 -15.00 16.04 4.59
CA ALA C 37 -16.27 16.72 4.81
C ALA C 37 -17.17 15.82 5.62
N LEU C 38 -17.88 16.41 6.58
CA LEU C 38 -18.76 15.66 7.47
C LEU C 38 -20.19 16.12 7.27
N ASP C 39 -21.07 15.19 6.91
CA ASP C 39 -22.46 15.53 6.62
C ASP C 39 -23.32 15.38 7.88
N GLU C 40 -24.60 15.74 7.76
CA GLU C 40 -25.51 15.69 8.90
C GLU C 40 -25.78 14.27 9.36
N SER C 41 -25.52 13.27 8.52
CA SER C 41 -25.69 11.88 8.93
C SER C 41 -24.48 11.36 9.70
N GLY C 42 -23.47 12.19 9.95
CA GLY C 42 -22.27 11.76 10.65
C GLY C 42 -21.27 11.03 9.78
N ASP C 43 -21.42 11.09 8.47
CA ASP C 43 -20.56 10.36 7.55
C ASP C 43 -19.49 11.29 7.00
N PHE C 44 -18.23 10.88 7.13
CA PHE C 44 -17.14 11.64 6.55
C PHE C 44 -16.99 11.31 5.07
N SER C 45 -16.58 12.32 4.31
CA SER C 45 -16.27 12.21 2.89
C SER C 45 -14.84 12.66 2.65
N LEU C 46 -14.38 12.44 1.43
CA LEU C 46 -13.05 12.86 1.01
C LEU C 46 -13.17 14.04 0.06
N VAL C 47 -12.27 15.00 0.20
CA VAL C 47 -12.26 16.18 -0.66
C VAL C 47 -10.97 16.24 -1.46
N THR C 58 -17.67 1.42 3.74
CA THR C 58 -18.16 2.60 4.45
C THR C 58 -17.14 3.10 5.47
N GLY C 59 -17.34 4.31 5.97
CA GLY C 59 -16.43 4.89 6.93
C GLY C 59 -16.73 4.58 8.37
N LYS C 60 -17.80 3.82 8.65
CA LYS C 60 -18.20 3.48 10.01
C LYS C 60 -17.98 2.00 10.26
N ARG C 61 -17.25 1.68 11.31
CA ARG C 61 -16.88 0.30 11.61
C ARG C 61 -17.61 -0.23 12.82
N THR D 19 -17.66 -0.58 37.83
CA THR D 19 -18.09 -1.03 36.51
C THR D 19 -17.33 -0.34 35.40
N ASP D 20 -16.33 0.46 35.77
CA ASP D 20 -15.50 1.11 34.76
C ASP D 20 -14.77 0.07 33.92
N GLY D 21 -14.56 0.40 32.66
CA GLY D 21 -13.84 -0.47 31.76
C GLY D 21 -14.37 -0.35 30.35
N VAL D 22 -13.77 -1.15 29.45
CA VAL D 22 -14.19 -1.24 28.05
C VAL D 22 -15.09 -2.46 27.92
N TYR D 23 -16.13 -2.32 27.10
CA TYR D 23 -17.15 -3.34 26.96
C TYR D 23 -17.34 -3.70 25.50
N ARG D 24 -17.67 -4.96 25.25
CA ARG D 24 -18.12 -5.41 23.96
C ARG D 24 -19.63 -5.19 23.88
N VAL D 25 -20.08 -4.57 22.80
CA VAL D 25 -21.51 -4.44 22.54
C VAL D 25 -21.92 -5.62 21.68
N MET D 26 -22.76 -6.49 22.22
CA MET D 26 -23.15 -7.73 21.56
C MET D 26 -24.62 -7.66 21.17
N THR D 27 -25.01 -8.57 20.28
CA THR D 27 -26.41 -8.77 19.95
C THR D 27 -26.66 -10.27 19.97
N ARG D 28 -27.82 -10.66 20.48
CA ARG D 28 -28.18 -12.08 20.50
C ARG D 28 -28.71 -12.48 19.15
N ARG D 29 -28.06 -13.47 18.55
CA ARG D 29 -28.45 -13.97 17.25
C ARG D 29 -29.37 -15.17 17.43
N LEU D 30 -29.77 -15.74 16.30
CA LEU D 30 -30.62 -16.92 16.36
C LEU D 30 -29.83 -18.14 16.83
N LEU D 31 -28.58 -18.27 16.38
CA LEU D 31 -27.70 -19.36 16.80
C LEU D 31 -26.96 -19.02 18.10
N GLY D 32 -26.17 -17.95 18.09
CA GLY D 32 -25.45 -17.55 19.28
C GLY D 32 -25.49 -16.05 19.56
N SER D 33 -24.36 -15.36 19.40
CA SER D 33 -24.28 -13.93 19.61
C SER D 33 -23.26 -13.33 18.64
N THR D 34 -23.38 -12.03 18.41
CA THR D 34 -22.51 -11.31 17.48
C THR D 34 -22.13 -9.97 18.07
N GLN D 35 -20.83 -9.64 18.02
CA GLN D 35 -20.35 -8.34 18.50
C GLN D 35 -20.66 -7.28 17.45
N VAL D 36 -21.38 -6.24 17.85
CA VAL D 36 -21.72 -5.15 16.94
C VAL D 36 -20.89 -3.90 17.20
N GLY D 37 -20.28 -3.77 18.37
CA GLY D 37 -19.49 -2.60 18.65
C GLY D 37 -18.78 -2.71 19.98
N VAL D 38 -18.24 -1.58 20.43
CA VAL D 38 -17.46 -1.48 21.65
C VAL D 38 -17.88 -0.19 22.36
N GLY D 39 -17.69 -0.16 23.68
CA GLY D 39 -17.98 1.04 24.44
C GLY D 39 -17.13 1.14 25.69
N VAL D 40 -17.20 2.32 26.33
CA VAL D 40 -16.41 2.60 27.53
C VAL D 40 -17.36 3.02 28.64
N MET D 41 -17.18 2.43 29.82
CA MET D 41 -17.91 2.80 31.02
C MET D 41 -17.02 3.65 31.90
N GLN D 42 -17.48 4.86 32.24
CA GLN D 42 -16.77 5.75 33.14
C GLN D 42 -17.79 6.57 33.90
N GLU D 43 -17.64 6.63 35.23
CA GLU D 43 -18.52 7.41 36.10
C GLU D 43 -19.98 7.03 35.91
N GLY D 44 -20.24 5.74 35.75
CA GLY D 44 -21.61 5.26 35.62
C GLY D 44 -22.27 5.53 34.29
N VAL D 45 -21.54 6.04 33.31
CA VAL D 45 -22.08 6.39 32.00
C VAL D 45 -21.42 5.51 30.95
N PHE D 46 -22.24 4.94 30.06
CA PHE D 46 -21.73 4.11 28.98
C PHE D 46 -21.65 4.93 27.70
N HIS D 47 -20.46 4.98 27.10
CA HIS D 47 -20.18 5.76 25.91
C HIS D 47 -19.87 4.83 24.75
N THR D 48 -20.52 5.05 23.61
CA THR D 48 -20.17 4.32 22.40
C THR D 48 -20.51 5.21 21.20
N MET D 49 -20.48 4.61 20.01
CA MET D 49 -20.80 5.32 18.78
C MET D 49 -22.29 5.21 18.50
N TRP D 50 -22.87 6.28 17.98
CA TRP D 50 -24.30 6.26 17.71
C TRP D 50 -24.66 5.14 16.74
N HIS D 51 -23.85 4.93 15.71
CA HIS D 51 -24.20 3.94 14.69
C HIS D 51 -24.11 2.51 15.19
N VAL D 52 -23.49 2.28 16.36
CA VAL D 52 -23.41 0.92 16.89
C VAL D 52 -24.76 0.46 17.41
N THR D 53 -25.40 1.26 18.25
CA THR D 53 -26.68 0.91 18.86
C THR D 53 -27.87 1.64 18.26
N LYS D 54 -27.65 2.84 17.72
CA LYS D 54 -28.71 3.68 17.19
C LYS D 54 -29.80 3.93 18.24
N GLY D 55 -29.37 4.18 19.47
CA GLY D 55 -30.28 4.49 20.54
C GLY D 55 -31.02 3.31 21.14
N ALA D 56 -30.67 2.08 20.76
CA ALA D 56 -31.36 0.94 21.32
C ALA D 56 -31.02 0.76 22.79
N ALA D 57 -31.95 0.19 23.53
CA ALA D 57 -31.69 -0.14 24.93
C ALA D 57 -30.69 -1.28 25.01
N LEU D 58 -29.94 -1.31 26.11
CA LEU D 58 -28.87 -2.29 26.30
C LEU D 58 -29.08 -3.03 27.61
N ARG D 59 -29.23 -4.35 27.54
CA ARG D 59 -29.17 -5.14 28.75
C ARG D 59 -27.74 -5.22 29.25
N SER D 60 -27.58 -5.34 30.56
CA SER D 60 -26.27 -5.21 31.17
C SER D 60 -26.34 -5.76 32.60
N GLY D 61 -25.17 -5.90 33.22
CA GLY D 61 -25.11 -6.38 34.58
C GLY D 61 -25.83 -5.49 35.57
N GLU D 62 -26.03 -4.22 35.23
CA GLU D 62 -26.79 -3.28 36.05
C GLU D 62 -28.24 -3.16 35.58
N GLY D 63 -28.66 -4.04 34.68
CA GLY D 63 -29.99 -4.00 34.14
C GLY D 63 -30.06 -3.19 32.86
N ARG D 64 -31.29 -2.95 32.43
CA ARG D 64 -31.53 -2.18 31.21
C ARG D 64 -30.86 -0.82 31.32
N LEU D 65 -30.19 -0.41 30.25
CA LEU D 65 -29.62 0.93 30.15
C LEU D 65 -30.28 1.68 29.00
N ASP D 66 -30.65 2.94 29.25
CA ASP D 66 -31.33 3.76 28.26
C ASP D 66 -30.42 4.90 27.81
N PRO D 67 -30.55 5.35 26.56
CA PRO D 67 -29.73 6.49 26.12
C PRO D 67 -30.14 7.78 26.82
N TYR D 68 -29.13 8.57 27.17
CA TYR D 68 -29.32 9.86 27.82
C TYR D 68 -29.06 11.03 26.90
N TRP D 69 -28.05 10.91 26.03
CA TRP D 69 -27.71 11.96 25.08
C TRP D 69 -27.13 11.31 23.85
N GLY D 70 -27.41 11.90 22.69
CA GLY D 70 -26.88 11.39 21.44
C GLY D 70 -26.69 12.50 20.42
N ASP D 71 -25.89 12.20 19.41
CA ASP D 71 -25.67 13.13 18.30
C ASP D 71 -25.28 12.31 17.08
N VAL D 72 -26.16 12.28 16.08
CA VAL D 72 -25.90 11.51 14.88
C VAL D 72 -24.73 12.08 14.10
N LYS D 73 -24.62 13.41 14.05
CA LYS D 73 -23.54 14.04 13.29
C LYS D 73 -22.19 13.74 13.93
N GLN D 74 -22.10 13.84 15.25
CA GLN D 74 -20.92 13.41 15.97
C GLN D 74 -20.78 11.91 16.06
N ASP D 75 -21.87 11.17 15.79
CA ASP D 75 -21.87 9.71 15.87
C ASP D 75 -21.49 9.25 17.27
N LEU D 76 -22.11 9.86 18.27
CA LEU D 76 -21.89 9.53 19.67
C LEU D 76 -23.23 9.35 20.37
N VAL D 77 -23.20 8.56 21.44
CA VAL D 77 -24.38 8.31 22.26
C VAL D 77 -23.92 8.03 23.68
N SER D 78 -24.77 8.39 24.64
CA SER D 78 -24.45 8.34 26.05
C SER D 78 -25.59 7.64 26.78
N TYR D 79 -25.24 6.73 27.68
CA TYR D 79 -26.24 5.99 28.45
C TYR D 79 -26.15 6.32 29.93
N CYS D 80 -27.31 6.50 30.56
CA CYS D 80 -27.47 6.69 32.00
C CYS D 80 -26.99 8.04 32.52
N GLY D 81 -26.32 8.83 31.69
CA GLY D 81 -25.86 10.13 32.11
C GLY D 81 -25.24 10.92 30.98
N PRO D 82 -24.88 12.17 31.25
CA PRO D 82 -24.25 12.99 30.22
C PRO D 82 -22.86 12.48 29.90
N TRP D 83 -22.38 12.88 28.72
CA TRP D 83 -21.06 12.47 28.27
C TRP D 83 -19.99 12.84 29.29
N LYS D 84 -19.17 11.86 29.68
CA LYS D 84 -18.18 12.05 30.73
C LYS D 84 -16.74 12.14 30.23
N LEU D 85 -16.46 11.71 29.01
CA LEU D 85 -15.09 11.69 28.53
C LEU D 85 -14.68 13.08 28.06
N ASP D 86 -13.54 13.55 28.55
CA ASP D 86 -13.12 14.92 28.33
C ASP D 86 -11.67 15.08 27.89
N ALA D 87 -10.83 14.06 28.04
CA ALA D 87 -9.44 14.18 27.62
C ALA D 87 -9.36 14.44 26.12
N ALA D 88 -8.32 15.17 25.73
CA ALA D 88 -8.14 15.59 24.35
C ALA D 88 -6.74 15.21 23.88
N TRP D 89 -6.63 14.93 22.59
CA TRP D 89 -5.34 14.65 21.99
C TRP D 89 -4.41 15.86 22.10
N ASP D 90 -3.13 15.57 22.37
CA ASP D 90 -2.13 16.62 22.48
C ASP D 90 -2.04 17.47 21.22
N GLY D 91 -2.30 16.87 20.06
CA GLY D 91 -1.90 17.47 18.82
C GLY D 91 -0.43 17.28 18.55
N LEU D 92 0.30 16.68 19.51
CA LEU D 92 1.74 16.46 19.54
C LEU D 92 2.14 15.03 19.82
N SER D 93 1.49 14.37 20.78
CA SER D 93 1.98 13.11 21.31
C SER D 93 1.37 11.90 20.62
N GLU D 94 2.02 10.76 20.83
CA GLU D 94 1.52 9.48 20.34
C GLU D 94 0.37 9.01 21.23
N VAL D 95 -0.55 8.25 20.64
CA VAL D 95 -1.72 7.74 21.33
C VAL D 95 -1.74 6.22 21.18
N GLN D 96 -2.61 5.58 21.95
CA GLN D 96 -2.79 4.14 21.87
C GLN D 96 -4.26 3.83 21.61
N LEU D 97 -4.51 3.01 20.60
CA LEU D 97 -5.83 2.45 20.38
C LEU D 97 -5.96 1.15 21.17
N LEU D 98 -6.98 1.07 22.01
CA LEU D 98 -7.31 -0.19 22.68
C LEU D 98 -8.38 -0.86 21.83
N ALA D 99 -7.92 -1.52 20.76
CA ALA D 99 -8.83 -2.16 19.82
C ALA D 99 -9.43 -3.41 20.44
N VAL D 100 -10.76 -3.52 20.37
CA VAL D 100 -11.48 -4.69 20.85
C VAL D 100 -12.25 -5.25 19.67
N PRO D 101 -11.61 -5.98 18.77
CA PRO D 101 -12.27 -6.40 17.54
C PRO D 101 -13.12 -7.64 17.77
N PRO D 102 -14.14 -7.86 16.94
CA PRO D 102 -15.00 -9.02 17.13
C PRO D 102 -14.20 -10.32 17.09
N GLY D 103 -14.47 -11.19 18.07
CA GLY D 103 -13.86 -12.50 18.13
C GLY D 103 -12.34 -12.50 18.27
N GLU D 104 -11.77 -11.33 18.58
CA GLU D 104 -10.33 -11.20 18.70
C GLU D 104 -9.97 -10.61 20.05
N ARG D 105 -8.70 -10.76 20.40
CA ARG D 105 -8.20 -10.32 21.68
C ARG D 105 -7.97 -8.82 21.67
N ALA D 106 -8.26 -8.18 22.81
CA ALA D 106 -8.02 -6.75 22.93
C ALA D 106 -6.52 -6.48 22.83
N LYS D 107 -6.17 -5.44 22.07
CA LYS D 107 -4.77 -5.13 21.77
C LYS D 107 -4.54 -3.63 21.79
N ASN D 108 -3.44 -3.22 22.43
CA ASN D 108 -3.02 -1.83 22.40
C ASN D 108 -2.08 -1.58 21.23
N ILE D 109 -2.42 -0.58 20.43
CA ILE D 109 -1.65 -0.20 19.25
C ILE D 109 -1.31 1.27 19.39
N GLN D 110 -0.02 1.57 19.48
CA GLN D 110 0.44 2.95 19.62
C GLN D 110 0.70 3.54 18.25
N THR D 111 0.33 4.82 18.10
CA THR D 111 0.45 5.47 16.80
C THR D 111 0.55 6.96 17.02
N LEU D 112 1.10 7.66 16.03
CA LEU D 112 1.11 9.11 16.01
C LEU D 112 -0.01 9.57 15.11
N PRO D 113 -1.04 10.22 15.64
CA PRO D 113 -2.22 10.53 14.81
C PRO D 113 -1.93 11.53 13.71
N GLY D 114 -2.69 11.42 12.64
CA GLY D 114 -2.76 12.45 11.62
C GLY D 114 -3.85 13.45 11.95
N ILE D 115 -4.34 14.14 10.93
CA ILE D 115 -5.34 15.19 11.13
C ILE D 115 -6.33 15.20 9.97
N PHE D 116 -7.62 15.23 10.31
CA PHE D 116 -8.67 15.57 9.38
C PHE D 116 -8.84 17.09 9.37
N LYS D 117 -8.88 17.68 8.18
CA LYS D 117 -9.14 19.11 8.04
C LYS D 117 -10.58 19.31 7.57
N THR D 118 -11.35 20.03 8.38
CA THR D 118 -12.72 20.38 8.10
C THR D 118 -12.81 21.88 7.82
N LYS D 119 -13.80 22.27 7.02
CA LYS D 119 -14.05 23.69 6.81
C LYS D 119 -14.46 24.42 8.08
N ASP D 120 -14.69 23.70 9.18
CA ASP D 120 -15.06 24.30 10.45
C ASP D 120 -14.06 24.03 11.57
N GLY D 121 -12.94 23.38 11.28
CA GLY D 121 -11.96 23.13 12.31
C GLY D 121 -11.12 21.91 12.01
N ASP D 122 -10.45 21.43 13.05
CA ASP D 122 -9.49 20.34 12.99
C ASP D 122 -9.90 19.21 13.93
N ILE D 123 -9.65 17.97 13.51
CA ILE D 123 -9.86 16.82 14.37
C ILE D 123 -8.75 15.81 14.09
N GLY D 124 -8.22 15.22 15.16
CA GLY D 124 -7.23 14.17 15.01
C GLY D 124 -7.81 12.91 14.35
N ALA D 125 -6.91 12.12 13.77
CA ALA D 125 -7.30 10.92 13.05
C ALA D 125 -6.16 9.90 13.14
N VAL D 126 -6.52 8.64 13.40
CA VAL D 126 -5.55 7.56 13.53
C VAL D 126 -5.66 6.66 12.30
N ALA D 127 -4.50 6.31 11.74
CA ALA D 127 -4.43 5.45 10.56
C ALA D 127 -4.24 4.00 10.98
N LEU D 128 -5.31 3.46 11.57
CA LEU D 128 -5.36 2.08 12.06
C LEU D 128 -6.62 1.41 11.55
N ASP D 129 -6.47 0.23 10.95
CA ASP D 129 -7.54 -0.42 10.21
C ASP D 129 -8.01 -1.65 10.98
N TYR D 130 -9.25 -1.63 11.43
CA TYR D 130 -9.83 -2.73 12.19
C TYR D 130 -11.25 -2.96 11.72
N PRO D 131 -11.73 -4.21 11.77
CA PRO D 131 -12.96 -4.56 11.06
C PRO D 131 -14.20 -4.01 11.75
N ALA D 132 -15.30 -4.06 11.00
CA ALA D 132 -16.60 -3.70 11.55
C ALA D 132 -16.85 -4.49 12.83
N GLY D 133 -17.35 -3.78 13.83
CA GLY D 133 -17.51 -4.30 15.16
C GLY D 133 -16.50 -3.77 16.14
N THR D 134 -15.42 -3.14 15.66
CA THR D 134 -14.46 -2.51 16.54
C THR D 134 -14.84 -1.08 16.92
N SER D 135 -15.84 -0.50 16.26
CA SER D 135 -16.26 0.87 16.56
C SER D 135 -16.64 1.02 18.02
N GLY D 136 -16.21 2.14 18.61
CA GLY D 136 -16.40 2.40 20.02
C GLY D 136 -15.21 2.06 20.88
N SER D 137 -14.17 1.48 20.28
CA SER D 137 -12.95 1.18 21.00
C SER D 137 -12.27 2.49 21.43
N PRO D 138 -11.77 2.55 22.66
CA PRO D 138 -11.20 3.81 23.16
C PRO D 138 -9.80 4.07 22.63
N ILE D 139 -9.53 5.35 22.36
CA ILE D 139 -8.18 5.83 22.08
C ILE D 139 -7.73 6.61 23.31
N LEU D 140 -6.55 6.29 23.83
CA LEU D 140 -6.08 6.80 25.12
C LEU D 140 -4.84 7.67 24.95
N ASP D 141 -4.58 8.48 25.97
CA ASP D 141 -3.33 9.21 26.12
C ASP D 141 -2.43 8.41 27.06
N LYS D 142 -1.23 8.95 27.32
CA LYS D 142 -0.25 8.25 28.14
C LYS D 142 -0.70 8.11 29.60
N CYS D 143 -1.68 8.90 30.03
CA CYS D 143 -2.26 8.76 31.36
C CYS D 143 -3.37 7.74 31.41
N GLY D 144 -3.77 7.17 30.27
CA GLY D 144 -4.81 6.17 30.24
C GLY D 144 -6.21 6.74 30.10
N ARG D 145 -6.35 8.03 29.87
CA ARG D 145 -7.66 8.64 29.70
C ARG D 145 -8.11 8.55 28.25
N VAL D 146 -9.39 8.27 28.07
CA VAL D 146 -9.98 8.12 26.75
C VAL D 146 -10.04 9.50 26.11
N ILE D 147 -9.22 9.72 25.07
CA ILE D 147 -9.26 10.96 24.31
C ILE D 147 -10.23 10.91 23.14
N GLY D 148 -10.89 9.77 22.92
CA GLY D 148 -11.85 9.65 21.84
C GLY D 148 -12.19 8.20 21.58
N LEU D 149 -13.16 8.00 20.70
CA LEU D 149 -13.61 6.67 20.32
C LEU D 149 -13.28 6.41 18.86
N TYR D 150 -12.96 5.16 18.56
CA TYR D 150 -12.57 4.74 17.22
C TYR D 150 -13.77 4.25 16.42
N GLY D 151 -13.71 4.46 15.10
CA GLY D 151 -14.65 3.79 14.22
C GLY D 151 -15.53 4.63 13.31
N ASN D 152 -15.30 5.94 13.24
CA ASN D 152 -15.98 6.79 12.26
C ASN D 152 -14.93 7.57 11.50
N GLY D 153 -14.85 7.33 10.20
CA GLY D 153 -13.84 7.96 9.38
C GLY D 153 -14.07 7.79 7.90
N VAL D 154 -13.01 7.49 7.15
CA VAL D 154 -13.09 7.36 5.71
C VAL D 154 -12.26 6.16 5.27
N VAL D 155 -12.62 5.61 4.13
CA VAL D 155 -11.80 4.63 3.43
C VAL D 155 -10.94 5.38 2.41
N ILE D 156 -9.62 5.26 2.53
CA ILE D 156 -8.69 5.96 1.65
C ILE D 156 -8.58 5.20 0.33
N LYS D 157 -8.27 5.95 -0.74
CA LYS D 157 -8.12 5.49 -2.11
C LYS D 157 -7.48 4.11 -2.24
N ASN D 158 -6.50 3.79 -1.39
CA ASN D 158 -5.82 2.50 -1.46
C ASN D 158 -6.52 1.44 -0.63
N GLY D 159 -7.76 1.70 -0.18
CA GLY D 159 -8.53 0.74 0.58
C GLY D 159 -8.33 0.80 2.07
N SER D 160 -7.28 1.44 2.56
CA SER D 160 -7.04 1.49 3.99
C SER D 160 -8.02 2.44 4.68
N TYR D 161 -8.09 2.32 6.00
CA TYR D 161 -9.09 3.01 6.81
C TYR D 161 -8.40 3.97 7.76
N VAL D 162 -8.89 5.21 7.82
CA VAL D 162 -8.44 6.20 8.78
C VAL D 162 -9.64 6.66 9.58
N SER D 163 -9.56 6.55 10.89
CA SER D 163 -10.64 6.88 11.80
C SER D 163 -10.34 8.20 12.51
N ALA D 164 -11.35 9.05 12.62
CA ALA D 164 -11.20 10.23 13.44
C ALA D 164 -11.16 9.84 14.92
N ILE D 165 -10.56 10.71 15.72
CA ILE D 165 -10.59 10.58 17.18
C ILE D 165 -11.83 11.33 17.63
N THR D 166 -12.96 10.62 17.71
CA THR D 166 -14.23 11.26 18.02
C THR D 166 -14.39 11.42 19.53
N GLN D 167 -14.47 12.67 19.99
CA GLN D 167 -14.66 12.98 21.40
C GLN D 167 -15.87 13.90 21.56
N GLY D 168 -16.63 13.69 22.64
CA GLY D 168 -17.78 14.50 22.95
C GLY D 168 -17.47 15.56 24.00
N LYS D 169 -18.37 16.53 24.12
CA LYS D 169 -18.23 17.63 25.07
C LYS D 169 -18.83 17.27 26.41
N ARG D 170 -18.11 17.58 27.48
CA ARG D 170 -18.57 17.31 28.83
C ARG D 170 -19.34 18.49 29.41
N VAL E 9 2.13 27.65 -40.39
CA VAL E 9 2.99 26.66 -39.76
C VAL E 9 2.19 25.87 -38.73
N ASP E 10 2.46 24.58 -38.66
CA ASP E 10 1.82 23.71 -37.67
C ASP E 10 2.89 23.14 -36.74
N MET E 11 3.69 24.01 -36.16
CA MET E 11 4.73 23.62 -35.22
C MET E 11 4.11 23.49 -33.85
N TYR E 12 4.56 22.49 -33.10
CA TYR E 12 3.98 22.24 -31.78
C TYR E 12 5.05 21.71 -30.86
N ILE E 13 4.73 21.67 -29.57
CA ILE E 13 5.63 21.13 -28.57
C ILE E 13 4.95 19.95 -27.92
N GLU E 14 5.77 18.98 -27.50
CA GLU E 14 5.28 17.85 -26.70
C GLU E 14 6.29 17.58 -25.61
N ARG E 15 5.80 17.34 -24.40
CA ARG E 15 6.69 17.19 -23.26
C ARG E 15 7.50 15.90 -23.40
N ALA E 16 8.81 16.01 -23.21
CA ALA E 16 9.71 14.88 -23.35
C ALA E 16 10.12 14.27 -22.02
N GLY E 17 10.06 15.04 -20.93
CA GLY E 17 10.36 14.48 -19.63
C GLY E 17 10.77 15.54 -18.64
N ASP E 18 11.08 15.06 -17.43
CA ASP E 18 11.62 15.89 -16.37
C ASP E 18 13.08 16.24 -16.65
N ILE E 19 13.52 17.38 -16.14
CA ILE E 19 14.89 17.84 -16.28
C ILE E 19 15.63 17.53 -14.97
N THR E 20 16.55 16.57 -15.02
CA THR E 20 17.28 16.16 -13.83
C THR E 20 18.74 15.90 -14.17
N TRP E 21 19.59 16.04 -13.16
CA TRP E 21 20.97 15.59 -13.23
C TRP E 21 21.01 14.09 -12.98
N GLU E 22 21.85 13.38 -13.73
CA GLU E 22 21.96 11.93 -13.64
C GLU E 22 23.23 11.55 -12.87
N LYS E 23 23.05 10.87 -11.73
CA LYS E 23 24.18 10.32 -11.02
C LYS E 23 24.84 9.24 -11.87
N ASP E 24 26.17 9.28 -11.95
CA ASP E 24 26.95 8.29 -12.69
C ASP E 24 26.47 8.19 -14.15
N ALA E 25 26.54 9.33 -14.83
CA ALA E 25 26.26 9.39 -16.25
C ALA E 25 27.55 9.27 -17.05
N GLU E 26 27.39 8.93 -18.32
CA GLU E 26 28.56 8.75 -19.19
C GLU E 26 29.28 10.08 -19.38
N VAL E 27 30.61 10.06 -19.23
CA VAL E 27 31.44 11.25 -19.40
C VAL E 27 32.13 11.18 -20.75
N THR E 28 31.95 12.20 -21.57
CA THR E 28 32.56 12.23 -22.90
C THR E 28 32.87 13.67 -23.27
N GLY E 29 33.64 13.82 -24.34
CA GLY E 29 33.95 15.13 -24.86
C GLY E 29 35.21 15.73 -24.28
N ASN E 30 35.97 16.43 -25.10
CA ASN E 30 37.15 17.15 -24.63
C ASN E 30 36.74 18.55 -24.20
N SER E 31 37.72 19.33 -23.74
CA SER E 31 37.53 20.73 -23.35
C SER E 31 38.33 21.60 -24.29
N PRO E 32 37.76 22.03 -25.40
CA PRO E 32 38.52 22.82 -26.37
C PRO E 32 38.59 24.29 -25.97
N ARG E 33 39.64 24.95 -26.44
CA ARG E 33 39.81 26.40 -26.30
C ARG E 33 39.89 26.96 -27.70
N LEU E 34 38.81 27.62 -28.14
CA LEU E 34 38.62 27.96 -29.55
C LEU E 34 38.48 29.46 -29.70
N ASP E 35 39.24 30.03 -30.62
CA ASP E 35 39.04 31.43 -31.02
C ASP E 35 37.89 31.48 -32.02
N VAL E 36 36.82 32.19 -31.66
CA VAL E 36 35.62 32.21 -32.48
C VAL E 36 35.15 33.65 -32.67
N ALA E 37 34.29 33.84 -33.67
CA ALA E 37 33.67 35.12 -33.94
C ALA E 37 32.17 34.93 -34.11
N LEU E 38 31.39 35.86 -33.55
CA LEU E 38 29.94 35.79 -33.58
C LEU E 38 29.39 36.97 -34.35
N ASP E 39 28.66 36.69 -35.44
CA ASP E 39 28.14 37.73 -36.31
C ASP E 39 26.74 38.15 -35.85
N GLU E 40 26.19 39.17 -36.52
CA GLU E 40 24.88 39.70 -36.13
C GLU E 40 23.76 38.71 -36.38
N SER E 41 23.98 37.70 -37.21
CA SER E 41 22.99 36.68 -37.49
C SER E 41 22.97 35.56 -36.45
N GLY E 42 23.83 35.65 -35.43
CA GLY E 42 23.92 34.59 -34.44
C GLY E 42 24.77 33.41 -34.84
N ASP E 43 25.59 33.56 -35.88
CA ASP E 43 26.41 32.47 -36.40
C ASP E 43 27.83 32.63 -35.89
N PHE E 44 28.34 31.59 -35.24
CA PHE E 44 29.72 31.59 -34.82
C PHE E 44 30.64 31.23 -35.99
N SER E 45 31.83 31.81 -35.97
CA SER E 45 32.89 31.52 -36.93
C SER E 45 34.10 31.06 -36.15
N LEU E 46 35.10 30.55 -36.86
CA LEU E 46 36.34 30.10 -36.24
C LEU E 46 37.48 31.03 -36.64
N VAL E 47 38.39 31.29 -35.70
CA VAL E 47 39.53 32.15 -35.95
C VAL E 47 40.84 31.37 -35.80
N THR E 58 26.64 24.32 -41.13
CA THR E 58 26.26 25.42 -40.25
C THR E 58 26.48 25.03 -38.79
N GLY E 59 26.61 26.03 -37.93
CA GLY E 59 26.81 25.80 -36.53
C GLY E 59 25.56 25.62 -35.71
N LYS E 60 24.39 25.64 -36.35
CA LYS E 60 23.10 25.56 -35.67
C LYS E 60 22.44 24.22 -35.91
N ARG E 61 22.09 23.53 -34.82
CA ARG E 61 21.56 22.19 -34.96
C ARG E 61 20.08 22.13 -34.64
N THR F 19 3.31 22.54 -18.06
CA THR F 19 4.07 21.85 -17.03
C THR F 19 5.57 21.96 -17.31
N ASP F 20 6.34 22.34 -16.29
CA ASP F 20 7.78 22.46 -16.42
C ASP F 20 8.41 21.15 -16.88
N GLY F 21 9.48 21.27 -17.63
CA GLY F 21 10.19 20.11 -18.14
C GLY F 21 10.81 20.45 -19.49
N VAL F 22 11.43 19.44 -20.09
CA VAL F 22 12.02 19.58 -21.41
C VAL F 22 11.03 19.09 -22.45
N TYR F 23 10.94 19.80 -23.58
CA TYR F 23 9.95 19.54 -24.61
C TYR F 23 10.63 19.33 -25.95
N ARG F 24 10.03 18.47 -26.78
CA ARG F 24 10.42 18.35 -28.18
C ARG F 24 9.60 19.34 -29.00
N VAL F 25 10.29 20.11 -29.84
CA VAL F 25 9.60 21.00 -30.77
C VAL F 25 9.41 20.23 -32.06
N MET F 26 8.16 19.91 -32.38
CA MET F 26 7.81 19.06 -33.50
C MET F 26 7.05 19.87 -34.54
N THR F 27 6.92 19.29 -35.72
CA THR F 27 6.09 19.87 -36.77
C THR F 27 5.23 18.77 -37.39
N ARG F 28 4.00 19.15 -37.76
CA ARG F 28 3.03 18.22 -38.32
C ARG F 28 3.38 17.88 -39.76
N ARG F 29 3.44 16.59 -40.06
CA ARG F 29 3.79 16.11 -41.39
C ARG F 29 2.81 15.03 -41.82
N LEU F 30 2.75 14.80 -43.14
CA LEU F 30 1.95 13.69 -43.66
C LEU F 30 2.49 12.36 -43.16
N LEU F 31 3.81 12.24 -43.05
CA LEU F 31 4.40 11.01 -42.55
C LEU F 31 4.45 11.00 -41.03
N GLY F 32 3.58 11.76 -40.39
CA GLY F 32 3.59 11.79 -38.94
C GLY F 32 4.03 13.12 -38.37
N SER F 33 5.27 13.15 -37.87
CA SER F 33 5.85 14.36 -37.31
C SER F 33 7.36 14.36 -37.56
N THR F 34 7.95 15.54 -37.40
CA THR F 34 9.40 15.74 -37.55
C THR F 34 9.84 16.67 -36.43
N GLN F 35 10.89 16.29 -35.71
CA GLN F 35 11.45 17.13 -34.65
C GLN F 35 12.37 18.19 -35.24
N VAL F 36 12.04 19.46 -34.98
CA VAL F 36 12.86 20.56 -35.45
C VAL F 36 13.72 21.16 -34.34
N GLY F 37 13.40 20.90 -33.09
CA GLY F 37 14.19 21.41 -32.01
C GLY F 37 13.72 20.88 -30.68
N VAL F 38 14.27 21.47 -29.61
CA VAL F 38 14.00 21.10 -28.23
C VAL F 38 13.82 22.40 -27.46
N GLY F 39 13.10 22.34 -26.34
CA GLY F 39 12.92 23.53 -25.53
C GLY F 39 12.78 23.18 -24.06
N VAL F 40 12.78 24.23 -23.24
CA VAL F 40 12.67 24.09 -21.79
C VAL F 40 11.50 24.93 -21.31
N MET F 41 10.62 24.33 -20.51
CA MET F 41 9.53 25.03 -19.87
C MET F 41 9.88 25.27 -18.40
N GLN F 42 9.92 26.52 -17.98
CA GLN F 42 10.17 26.86 -16.59
C GLN F 42 9.41 28.12 -16.22
N GLU F 43 8.65 28.06 -15.14
CA GLU F 43 7.86 29.19 -14.64
C GLU F 43 6.88 29.69 -15.71
N GLY F 44 6.27 28.77 -16.44
CA GLY F 44 5.26 29.14 -17.43
C GLY F 44 5.82 29.74 -18.70
N VAL F 45 7.14 29.75 -18.86
CA VAL F 45 7.79 30.33 -20.03
C VAL F 45 8.51 29.21 -20.77
N PHE F 46 8.35 29.18 -22.08
CA PHE F 46 9.01 28.19 -22.92
C PHE F 46 10.25 28.81 -23.54
N HIS F 47 11.40 28.16 -23.33
CA HIS F 47 12.68 28.63 -23.81
C HIS F 47 13.20 27.66 -24.87
N THR F 48 13.62 28.21 -26.01
CA THR F 48 14.30 27.41 -27.02
C THR F 48 15.23 28.33 -27.82
N MET F 49 15.74 27.82 -28.93
CA MET F 49 16.64 28.57 -29.78
C MET F 49 15.85 29.31 -30.84
N TRP F 50 16.29 30.53 -31.15
CA TRP F 50 15.56 31.33 -32.14
C TRP F 50 15.46 30.59 -33.48
N HIS F 51 16.56 29.98 -33.93
CA HIS F 51 16.53 29.32 -35.24
C HIS F 51 15.65 28.08 -35.27
N VAL F 52 15.21 27.58 -34.11
CA VAL F 52 14.34 26.42 -34.09
C VAL F 52 12.96 26.79 -34.59
N THR F 53 12.39 27.84 -34.03
CA THR F 53 11.04 28.27 -34.35
C THR F 53 10.99 29.50 -35.26
N LYS F 54 12.03 30.33 -35.22
CA LYS F 54 12.05 31.58 -35.97
C LYS F 54 10.85 32.45 -35.64
N GLY F 55 10.51 32.49 -34.36
CA GLY F 55 9.42 33.35 -33.92
C GLY F 55 8.03 32.87 -34.26
N ALA F 56 7.90 31.67 -34.81
CA ALA F 56 6.58 31.15 -35.15
C ALA F 56 5.83 30.78 -33.87
N ALA F 57 4.51 30.87 -33.93
CA ALA F 57 3.67 30.45 -32.84
C ALA F 57 3.72 28.93 -32.68
N LEU F 58 3.47 28.46 -31.47
CA LEU F 58 3.61 27.05 -31.15
C LEU F 58 2.28 26.51 -30.63
N ARG F 59 1.82 25.43 -31.24
CA ARG F 59 0.73 24.65 -30.69
C ARG F 59 1.19 23.96 -29.41
N SER F 60 0.24 23.65 -28.55
CA SER F 60 0.55 23.06 -27.25
C SER F 60 -0.75 22.51 -26.67
N GLY F 61 -0.61 21.69 -25.64
CA GLY F 61 -1.79 21.16 -24.97
C GLY F 61 -2.64 22.24 -24.33
N GLU F 62 -2.05 23.39 -24.05
CA GLU F 62 -2.77 24.54 -23.52
C GLU F 62 -3.14 25.54 -24.61
N GLY F 63 -2.99 25.17 -25.87
CA GLY F 63 -3.30 26.09 -26.95
C GLY F 63 -2.08 26.87 -27.41
N ARG F 64 -2.37 27.88 -28.22
CA ARG F 64 -1.34 28.71 -28.82
C ARG F 64 -0.43 29.32 -27.77
N LEU F 65 0.87 29.29 -28.05
CA LEU F 65 1.88 29.99 -27.26
C LEU F 65 2.54 31.03 -28.14
N ASP F 66 2.69 32.24 -27.62
CA ASP F 66 3.23 33.32 -28.42
C ASP F 66 4.62 33.71 -27.94
N PRO F 67 5.51 34.12 -28.84
CA PRO F 67 6.84 34.56 -28.41
C PRO F 67 6.76 35.89 -27.67
N TYR F 68 7.54 35.99 -26.62
CA TYR F 68 7.59 37.19 -25.79
C TYR F 68 8.86 37.99 -25.96
N TRP F 69 9.99 37.32 -26.12
CA TRP F 69 11.28 38.00 -26.30
C TRP F 69 12.14 37.18 -27.25
N GLY F 70 12.96 37.88 -28.03
CA GLY F 70 13.84 37.21 -28.97
C GLY F 70 15.13 37.96 -29.26
N ASP F 71 16.21 37.21 -29.43
CA ASP F 71 17.52 37.78 -29.76
CA ASP F 71 17.53 37.77 -29.75
C ASP F 71 18.13 36.92 -30.86
N VAL F 72 18.12 37.42 -32.09
CA VAL F 72 18.63 36.64 -33.21
C VAL F 72 20.12 36.35 -33.03
N LYS F 73 20.88 37.34 -32.55
CA LYS F 73 22.32 37.15 -32.39
C LYS F 73 22.64 36.13 -31.30
N GLN F 74 21.90 36.18 -30.19
CA GLN F 74 22.02 35.15 -29.17
C GLN F 74 21.36 33.85 -29.56
N ASP F 75 20.54 33.86 -30.62
CA ASP F 75 19.80 32.68 -31.08
C ASP F 75 18.92 32.10 -29.97
N LEU F 76 18.18 32.99 -29.30
CA LEU F 76 17.30 32.60 -28.22
C LEU F 76 15.93 33.20 -28.45
N VAL F 77 14.91 32.54 -27.89
CA VAL F 77 13.54 33.02 -27.97
C VAL F 77 12.80 32.51 -26.75
N SER F 78 11.83 33.31 -26.29
CA SER F 78 11.11 33.06 -25.06
C SER F 78 9.61 33.18 -25.36
N TYR F 79 8.83 32.24 -24.86
CA TYR F 79 7.39 32.20 -25.11
C TYR F 79 6.61 32.41 -23.81
N CYS F 80 5.54 33.19 -23.91
CA CYS F 80 4.57 33.45 -22.84
C CYS F 80 5.12 34.38 -21.76
N GLY F 81 6.42 34.67 -21.79
CA GLY F 81 7.01 35.54 -20.80
C GLY F 81 8.48 35.81 -21.05
N PRO F 82 9.09 36.66 -20.21
CA PRO F 82 10.51 36.96 -20.37
C PRO F 82 11.37 35.76 -20.01
N TRP F 83 12.61 35.81 -20.50
CA TRP F 83 13.56 34.74 -20.26
C TRP F 83 13.73 34.48 -18.77
N LYS F 84 13.60 33.21 -18.38
CA LYS F 84 13.62 32.84 -16.97
C LYS F 84 14.89 32.10 -16.55
N LEU F 85 15.68 31.59 -17.49
CA LEU F 85 16.86 30.80 -17.15
C LEU F 85 18.03 31.73 -16.81
N ASP F 86 18.68 31.45 -15.68
CA ASP F 86 19.69 32.35 -15.15
C ASP F 86 20.93 31.65 -14.61
N ALA F 87 20.88 30.36 -14.32
CA ALA F 87 22.06 29.68 -13.79
C ALA F 87 23.19 29.78 -14.79
N ALA F 88 24.42 29.85 -14.29
CA ALA F 88 25.57 30.05 -15.15
C ALA F 88 26.60 28.98 -14.86
N TRP F 89 27.37 28.60 -15.88
CA TRP F 89 28.52 27.72 -15.70
C TRP F 89 29.53 28.42 -14.81
N ASP F 90 29.98 27.74 -13.75
CA ASP F 90 30.94 28.29 -12.81
C ASP F 90 32.32 28.54 -13.42
N GLY F 91 32.62 27.96 -14.58
CA GLY F 91 33.95 28.02 -15.13
C GLY F 91 34.91 26.95 -14.67
N LEU F 92 34.49 26.05 -13.80
CA LEU F 92 35.37 25.02 -13.27
C LEU F 92 34.78 23.62 -13.32
N SER F 93 33.49 23.47 -13.06
CA SER F 93 32.87 22.18 -12.77
C SER F 93 32.34 21.50 -14.02
N GLU F 94 32.11 20.19 -13.88
CA GLU F 94 31.53 19.42 -14.97
C GLU F 94 30.03 19.69 -15.05
N VAL F 95 29.50 19.61 -16.27
CA VAL F 95 28.09 19.88 -16.55
C VAL F 95 27.52 18.68 -17.29
N GLN F 96 26.19 18.67 -17.42
CA GLN F 96 25.50 17.60 -18.13
C GLN F 96 24.61 18.17 -19.22
N LEU F 97 24.74 17.62 -20.43
CA LEU F 97 23.80 17.89 -21.50
C LEU F 97 22.66 16.89 -21.43
N LEU F 98 21.43 17.39 -21.39
CA LEU F 98 20.25 16.52 -21.49
C LEU F 98 19.83 16.49 -22.96
N ALA F 99 20.52 15.64 -23.72
CA ALA F 99 20.27 15.57 -25.16
C ALA F 99 18.92 14.93 -25.46
N VAL F 100 18.13 15.60 -26.28
CA VAL F 100 16.84 15.07 -26.71
C VAL F 100 16.89 15.01 -28.24
N PRO F 101 17.52 14.00 -28.83
CA PRO F 101 17.71 13.98 -30.28
C PRO F 101 16.47 13.46 -31.00
N PRO F 102 16.27 13.84 -32.26
CA PRO F 102 15.09 13.39 -32.99
C PRO F 102 15.01 11.87 -33.07
N GLY F 103 13.84 11.33 -32.74
CA GLY F 103 13.60 9.90 -32.84
C GLY F 103 14.46 9.06 -31.93
N GLU F 104 15.16 9.69 -31.00
CA GLU F 104 16.02 8.96 -30.07
C GLU F 104 15.64 9.30 -28.64
N ARG F 105 16.13 8.46 -27.73
CA ARG F 105 15.81 8.53 -26.33
C ARG F 105 16.66 9.61 -25.65
N ALA F 106 16.04 10.33 -24.71
CA ALA F 106 16.74 11.37 -23.98
C ALA F 106 17.90 10.78 -23.18
N LYS F 107 19.04 11.46 -23.21
CA LYS F 107 20.25 10.95 -22.59
C LYS F 107 21.01 12.08 -21.91
N ASN F 108 21.50 11.80 -20.71
CA ASN F 108 22.36 12.72 -19.99
C ASN F 108 23.81 12.42 -20.31
N ILE F 109 24.55 13.44 -20.74
CA ILE F 109 25.96 13.32 -21.09
C ILE F 109 26.72 14.32 -20.25
N GLN F 110 27.65 13.83 -19.44
CA GLN F 110 28.46 14.66 -18.58
C GLN F 110 29.76 15.02 -19.28
N THR F 111 30.21 16.26 -19.10
CA THR F 111 31.41 16.71 -19.77
C THR F 111 32.00 17.89 -19.00
N LEU F 112 33.29 18.13 -19.21
CA LEU F 112 33.92 19.33 -18.70
C LEU F 112 33.98 20.34 -19.83
N PRO F 113 33.26 21.46 -19.73
CA PRO F 113 33.17 22.37 -20.89
C PRO F 113 34.50 22.99 -21.26
N GLY F 114 34.62 23.30 -22.54
CA GLY F 114 35.68 24.16 -23.04
C GLY F 114 35.24 25.60 -23.03
N ILE F 115 35.87 26.41 -23.87
CA ILE F 115 35.56 27.83 -23.95
C ILE F 115 35.66 28.30 -25.39
N PHE F 116 34.69 29.13 -25.78
CA PHE F 116 34.80 29.96 -26.98
C PHE F 116 35.52 31.25 -26.59
N LYS F 117 36.69 31.49 -27.20
CA LYS F 117 37.47 32.69 -26.90
C LYS F 117 37.08 33.79 -27.87
N THR F 118 36.00 34.48 -27.54
CA THR F 118 35.54 35.60 -28.34
C THR F 118 36.34 36.85 -28.00
N LYS F 119 36.51 37.72 -29.01
CA LYS F 119 37.16 39.01 -28.80
C LYS F 119 36.32 39.90 -27.88
N ASP F 120 35.13 39.43 -27.52
CA ASP F 120 34.23 40.17 -26.65
C ASP F 120 34.02 39.47 -25.30
N GLY F 121 34.74 38.39 -25.05
CA GLY F 121 34.68 37.71 -23.77
C GLY F 121 34.88 36.23 -23.95
N ASP F 122 34.54 35.47 -22.91
CA ASP F 122 34.68 34.02 -22.91
C ASP F 122 33.31 33.40 -22.66
N ILE F 123 33.05 32.27 -23.32
CA ILE F 123 31.80 31.54 -23.18
C ILE F 123 32.13 30.06 -23.12
N GLY F 124 31.54 29.36 -22.15
CA GLY F 124 31.74 27.93 -22.06
C GLY F 124 31.16 27.23 -23.27
N ALA F 125 31.72 26.05 -23.56
CA ALA F 125 31.32 25.32 -24.76
C ALA F 125 31.51 23.84 -24.51
N VAL F 126 30.54 23.04 -24.95
CA VAL F 126 30.59 21.59 -24.75
C VAL F 126 30.93 20.94 -26.08
N ALA F 127 31.87 20.00 -26.05
CA ALA F 127 32.29 19.26 -27.24
C ALA F 127 31.50 17.96 -27.32
N LEU F 128 30.20 18.12 -27.59
CA LEU F 128 29.26 17.02 -27.71
C LEU F 128 28.48 17.21 -29.01
N ASP F 129 28.43 16.15 -29.81
CA ASP F 129 27.98 16.23 -31.20
C ASP F 129 26.63 15.53 -31.34
N TYR F 130 25.60 16.29 -31.70
CA TYR F 130 24.26 15.75 -31.85
C TYR F 130 23.59 16.36 -33.08
N PRO F 131 22.71 15.60 -33.74
CA PRO F 131 22.23 16.02 -35.07
C PRO F 131 21.22 17.15 -34.98
N ALA F 132 20.97 17.74 -36.14
CA ALA F 132 19.96 18.78 -36.27
C ALA F 132 18.64 18.30 -35.69
N GLY F 133 18.00 19.18 -34.93
CA GLY F 133 16.79 18.85 -34.19
C GLY F 133 17.01 18.70 -32.70
N THR F 134 18.25 18.58 -32.25
CA THR F 134 18.56 18.53 -30.84
C THR F 134 18.77 19.93 -30.24
N SER F 135 18.87 20.95 -31.08
CA SER F 135 19.09 22.31 -30.58
C SER F 135 17.99 22.72 -29.61
N GLY F 136 18.39 23.35 -28.52
CA GLY F 136 17.48 23.71 -27.46
C GLY F 136 17.50 22.75 -26.29
N SER F 137 18.25 21.67 -26.40
CA SER F 137 18.37 20.73 -25.30
C SER F 137 19.06 21.42 -24.12
N PRO F 138 18.60 21.19 -22.89
CA PRO F 138 19.16 21.92 -21.75
C PRO F 138 20.53 21.38 -21.33
N ILE F 139 21.39 22.30 -20.93
CA ILE F 139 22.66 21.99 -20.28
C ILE F 139 22.51 22.33 -18.81
N LEU F 140 22.95 21.44 -17.94
CA LEU F 140 22.65 21.52 -16.52
C LEU F 140 23.92 21.69 -15.69
N ASP F 141 23.75 22.21 -14.47
CA ASP F 141 24.78 22.16 -13.45
C ASP F 141 24.46 21.03 -12.47
N LYS F 142 25.35 20.81 -11.51
CA LYS F 142 25.22 19.68 -10.61
C LYS F 142 23.93 19.73 -9.79
N CYS F 143 23.29 20.90 -9.68
CA CYS F 143 22.01 21.01 -8.99
C CYS F 143 20.82 20.84 -9.91
N GLY F 144 21.05 20.71 -11.22
CA GLY F 144 19.98 20.49 -12.16
C GLY F 144 19.37 21.73 -12.78
N ARG F 145 19.92 22.92 -12.53
CA ARG F 145 19.39 24.10 -13.19
C ARG F 145 20.01 24.25 -14.56
N VAL F 146 19.20 24.70 -15.51
CA VAL F 146 19.64 24.89 -16.89
C VAL F 146 20.61 26.07 -16.95
N ILE F 147 21.90 25.78 -17.16
CA ILE F 147 22.88 26.85 -17.33
C ILE F 147 22.96 27.33 -18.77
N GLY F 148 22.19 26.74 -19.67
CA GLY F 148 22.24 27.15 -21.05
C GLY F 148 21.57 26.12 -21.94
N LEU F 149 21.45 26.49 -23.21
CA LEU F 149 20.83 25.66 -24.23
C LEU F 149 21.87 25.20 -25.23
N TYR F 150 21.71 23.98 -25.72
CA TYR F 150 22.64 23.38 -26.66
C TYR F 150 22.19 23.67 -28.09
N GLY F 151 23.15 23.76 -28.99
CA GLY F 151 22.81 23.76 -30.40
C GLY F 151 23.22 24.95 -31.25
N ASN F 152 24.02 25.85 -30.70
CA ASN F 152 24.59 26.93 -31.50
C ASN F 152 26.09 26.97 -31.26
N GLY F 153 26.87 26.70 -32.29
CA GLY F 153 28.31 26.65 -32.13
C GLY F 153 29.04 26.60 -33.45
N VAL F 154 30.06 25.75 -33.54
CA VAL F 154 30.88 25.64 -34.73
C VAL F 154 31.18 24.18 -35.01
N VAL F 155 31.43 23.87 -36.28
CA VAL F 155 31.97 22.60 -36.71
C VAL F 155 33.47 22.77 -36.84
N ILE F 156 34.23 21.92 -36.15
CA ILE F 156 35.68 22.00 -36.11
C ILE F 156 36.23 21.43 -37.42
N LYS F 157 37.53 21.57 -37.65
CA LYS F 157 38.14 21.09 -38.89
C LYS F 157 37.97 19.58 -39.06
N ASN F 158 37.96 18.83 -37.96
CA ASN F 158 37.83 17.39 -38.04
C ASN F 158 36.38 16.93 -38.21
N GLY F 159 35.46 17.85 -38.51
CA GLY F 159 34.08 17.52 -38.71
C GLY F 159 33.23 17.49 -37.45
N SER F 160 33.85 17.48 -36.28
CA SER F 160 33.10 17.41 -35.04
C SER F 160 32.45 18.76 -34.73
N TYR F 161 31.49 18.73 -33.82
CA TYR F 161 30.66 19.88 -33.50
C TYR F 161 30.91 20.32 -32.06
N VAL F 162 31.09 21.61 -31.87
CA VAL F 162 31.23 22.20 -30.54
C VAL F 162 30.14 23.25 -30.39
N SER F 163 29.32 23.08 -29.36
CA SER F 163 28.20 23.98 -29.10
C SER F 163 28.54 24.92 -27.95
N ALA F 164 28.19 26.18 -28.10
CA ALA F 164 28.28 27.11 -27.00
C ALA F 164 27.23 26.76 -25.94
N ILE F 165 27.52 27.15 -24.70
CA ILE F 165 26.52 27.09 -23.63
C ILE F 165 25.82 28.44 -23.66
N THR F 166 24.73 28.50 -24.43
CA THR F 166 24.01 29.75 -24.66
C THR F 166 23.00 29.99 -23.54
N GLN F 167 23.22 31.06 -22.78
CA GLN F 167 22.31 31.46 -21.72
C GLN F 167 21.86 32.89 -21.95
N GLY F 168 20.61 33.19 -21.61
CA GLY F 168 20.05 34.51 -21.79
C GLY F 168 20.09 35.33 -20.51
N LYS F 169 19.65 36.58 -20.63
CA LYS F 169 19.62 37.51 -19.52
C LYS F 169 18.24 37.45 -18.86
N ARG F 170 18.22 37.22 -17.55
CA ARG F 170 16.98 37.17 -16.81
C ARG F 170 16.73 38.50 -16.11
N VAL G 9 -31.27 -24.75 28.14
CA VAL G 9 -29.89 -24.79 27.69
C VAL G 9 -29.56 -23.44 27.03
N ASP G 10 -28.82 -22.60 27.76
CA ASP G 10 -28.53 -21.23 27.35
C ASP G 10 -27.03 -20.97 27.27
N MET G 11 -26.23 -22.02 27.17
CA MET G 11 -24.78 -21.88 27.11
C MET G 11 -24.32 -21.72 25.68
N TYR G 12 -23.32 -20.87 25.48
CA TYR G 12 -22.78 -20.63 24.15
C TYR G 12 -21.30 -20.31 24.28
N ILE G 13 -20.61 -20.31 23.15
CA ILE G 13 -19.19 -19.95 23.11
C ILE G 13 -19.03 -18.72 22.24
N GLU G 14 -18.02 -17.91 22.55
CA GLU G 14 -17.63 -16.80 21.70
C GLU G 14 -16.11 -16.72 21.64
N ARG G 15 -15.58 -16.48 20.45
CA ARG G 15 -14.13 -16.52 20.29
C ARG G 15 -13.49 -15.35 21.03
N ALA G 16 -12.46 -15.64 21.81
CA ALA G 16 -11.77 -14.64 22.60
C ALA G 16 -10.46 -14.16 21.97
N GLY G 17 -9.84 -14.98 21.15
CA GLY G 17 -8.64 -14.55 20.46
C GLY G 17 -7.80 -15.73 20.00
N ASP G 18 -6.67 -15.38 19.39
CA ASP G 18 -5.67 -16.36 18.97
C ASP G 18 -4.90 -16.87 20.18
N ILE G 19 -4.41 -18.10 20.07
CA ILE G 19 -3.60 -18.73 21.10
C ILE G 19 -2.14 -18.58 20.70
N THR G 20 -1.41 -17.73 21.41
CA THR G 20 -0.01 -17.44 21.11
C THR G 20 0.79 -17.34 22.39
N TRP G 21 2.08 -17.62 22.28
CA TRP G 21 3.05 -17.33 23.34
C TRP G 21 3.47 -15.88 23.29
N GLU G 22 3.60 -15.25 24.46
CA GLU G 22 3.95 -13.83 24.57
C GLU G 22 5.41 -13.67 24.98
N LYS G 23 6.20 -13.02 24.14
CA LYS G 23 7.54 -12.65 24.53
C LYS G 23 7.50 -11.63 25.67
N ASP G 24 8.41 -11.79 26.63
CA ASP G 24 8.54 -10.89 27.78
C ASP G 24 7.20 -10.73 28.50
N ALA G 25 6.67 -11.86 28.96
CA ALA G 25 5.47 -11.87 29.77
C ALA G 25 5.81 -11.82 31.25
N GLU G 26 4.81 -11.43 32.06
CA GLU G 26 4.99 -11.37 33.50
C GLU G 26 5.17 -12.76 34.08
N VAL G 27 6.22 -12.94 34.88
CA VAL G 27 6.54 -14.22 35.50
C VAL G 27 6.13 -14.18 36.96
N THR G 28 5.31 -15.13 37.39
CA THR G 28 4.89 -15.18 38.78
C THR G 28 4.58 -16.61 39.14
N GLY G 29 4.35 -16.84 40.43
CA GLY G 29 4.01 -18.16 40.92
C GLY G 29 5.23 -18.95 41.35
N ASN G 30 5.09 -19.72 42.42
CA ASN G 30 6.15 -20.61 42.82
C ASN G 30 5.98 -21.93 42.09
N SER G 31 6.88 -22.88 42.38
CA SER G 31 6.79 -24.23 41.85
C SER G 31 6.57 -25.14 43.04
N PRO G 32 5.33 -25.39 43.42
CA PRO G 32 5.08 -26.18 44.64
C PRO G 32 5.18 -27.67 44.38
N ARG G 33 5.49 -28.40 45.44
CA ARG G 33 5.43 -29.86 45.44
C ARG G 33 4.37 -30.25 46.46
N LEU G 34 3.33 -30.95 46.00
CA LEU G 34 2.13 -31.15 46.79
C LEU G 34 1.69 -32.61 46.74
N ASP G 35 1.44 -33.18 47.90
CA ASP G 35 0.84 -34.51 47.99
C ASP G 35 -0.66 -34.38 47.81
N VAL G 36 -1.19 -34.95 46.73
CA VAL G 36 -2.60 -34.81 46.41
C VAL G 36 -3.21 -36.18 46.11
N ALA G 37 -4.54 -36.21 46.20
CA ALA G 37 -5.33 -37.39 45.87
C ALA G 37 -6.49 -36.98 44.98
N LEU G 38 -6.77 -37.79 43.96
CA LEU G 38 -7.82 -37.50 42.99
C LEU G 38 -8.91 -38.55 43.08
N ASP G 39 -10.14 -38.10 43.34
CA ASP G 39 -11.26 -39.01 43.51
C ASP G 39 -11.96 -39.24 42.18
N GLU G 40 -12.97 -40.12 42.20
CA GLU G 40 -13.68 -40.49 40.98
C GLU G 40 -14.49 -39.34 40.40
N SER G 41 -14.80 -38.33 41.19
CA SER G 41 -15.54 -37.17 40.71
C SER G 41 -14.65 -36.13 40.04
N GLY G 42 -13.35 -36.39 39.95
CA GLY G 42 -12.42 -35.44 39.39
C GLY G 42 -11.97 -34.36 40.35
N ASP G 43 -12.18 -34.53 41.65
CA ASP G 43 -11.82 -33.54 42.65
C ASP G 43 -10.50 -33.95 43.30
N PHE G 44 -9.53 -33.04 43.27
CA PHE G 44 -8.27 -33.28 43.96
C PHE G 44 -8.38 -32.97 45.45
N SER G 45 -7.64 -33.73 46.24
CA SER G 45 -7.54 -33.53 47.68
C SER G 45 -6.08 -33.30 48.05
N LEU G 46 -5.85 -32.88 49.28
CA LEU G 46 -4.50 -32.69 49.81
C LEU G 46 -4.22 -33.74 50.87
N VAL G 47 -2.98 -34.22 50.89
CA VAL G 47 -2.56 -35.22 51.87
C VAL G 47 -1.47 -34.66 52.76
N THR G 58 -14.28 -26.71 45.70
CA THR G 58 -13.52 -25.47 45.83
C THR G 58 -12.30 -25.49 44.93
N GLY G 59 -11.95 -26.66 44.41
CA GLY G 59 -10.80 -26.79 43.54
C GLY G 59 -11.08 -26.63 42.06
N LYS G 60 -12.31 -26.41 41.66
CA LYS G 60 -12.69 -26.25 40.26
C LYS G 60 -13.13 -24.82 40.01
N ARG G 61 -12.50 -24.16 39.05
CA ARG G 61 -12.77 -22.75 38.82
C ARG G 61 -13.55 -22.55 37.52
N THR H 19 -13.51 -21.70 13.89
CA THR H 19 -12.11 -21.33 13.64
C THR H 19 -11.30 -21.52 14.92
N ASP H 20 -10.08 -22.02 14.76
CA ASP H 20 -9.22 -22.32 15.89
C ASP H 20 -8.98 -21.08 16.75
N GLY H 21 -8.79 -21.30 18.03
CA GLY H 21 -8.52 -20.21 18.96
C GLY H 21 -9.06 -20.55 20.34
N VAL H 22 -8.92 -19.59 21.23
CA VAL H 22 -9.44 -19.71 22.60
C VAL H 22 -10.80 -19.03 22.65
N TYR H 23 -11.74 -19.63 23.37
CA TYR H 23 -13.12 -19.18 23.42
C TYR H 23 -13.55 -18.99 24.87
N ARG H 24 -14.44 -18.01 25.09
CA ARG H 24 -15.14 -17.86 26.36
C ARG H 24 -16.42 -18.69 26.30
N VAL H 25 -16.65 -19.50 27.33
CA VAL H 25 -17.91 -20.22 27.45
C VAL H 25 -18.86 -19.35 28.27
N MET H 26 -19.91 -18.85 27.63
CA MET H 26 -20.85 -17.93 28.24
C MET H 26 -22.20 -18.59 28.41
N THR H 27 -23.07 -17.95 29.20
CA THR H 27 -24.45 -18.38 29.33
C THR H 27 -25.35 -17.16 29.23
N ARG H 28 -26.50 -17.33 28.57
CA ARG H 28 -27.43 -16.23 28.34
C ARG H 28 -28.17 -15.86 29.63
N ARG H 29 -28.23 -14.57 29.92
CA ARG H 29 -28.88 -14.05 31.11
C ARG H 29 -29.75 -12.85 30.75
N LEU H 30 -30.72 -12.56 31.63
CA LEU H 30 -31.47 -11.33 31.49
C LEU H 30 -30.55 -10.11 31.58
N LEU H 31 -29.54 -10.18 32.44
CA LEU H 31 -28.57 -9.11 32.59
C LEU H 31 -27.45 -9.17 31.56
N GLY H 32 -27.70 -9.79 30.41
CA GLY H 32 -26.69 -9.89 29.39
C GLY H 32 -26.15 -11.31 29.27
N SER H 33 -24.95 -11.51 29.80
CA SER H 33 -24.29 -12.80 29.76
C SER H 33 -23.46 -12.99 31.00
N THR H 34 -23.10 -14.24 31.25
CA THR H 34 -22.25 -14.63 32.38
C THR H 34 -21.27 -15.66 31.86
N GLN H 35 -19.98 -15.43 32.10
CA GLN H 35 -18.96 -16.36 31.63
C GLN H 35 -18.80 -17.49 32.64
N VAL H 36 -18.99 -18.73 32.18
CA VAL H 36 -18.90 -19.90 33.05
C VAL H 36 -17.62 -20.69 32.84
N GLY H 37 -16.93 -20.52 31.73
CA GLY H 37 -15.72 -21.26 31.50
C GLY H 37 -15.01 -20.75 30.26
N VAL H 38 -13.96 -21.47 29.88
CA VAL H 38 -13.11 -21.14 28.76
C VAL H 38 -12.83 -22.43 28.00
N GLY H 39 -12.52 -22.32 26.72
CA GLY H 39 -12.22 -23.50 25.92
C GLY H 39 -11.25 -23.22 24.80
N VAL H 40 -10.83 -24.30 24.15
CA VAL H 40 -9.89 -24.25 23.04
C VAL H 40 -10.50 -24.93 21.83
N MET H 41 -10.47 -24.25 20.70
CA MET H 41 -10.88 -24.84 19.43
C MET H 41 -9.63 -25.20 18.64
N GLN H 42 -9.49 -26.47 18.30
CA GLN H 42 -8.34 -26.90 17.52
C GLN H 42 -8.76 -28.07 16.65
N GLU H 43 -8.47 -27.97 15.36
CA GLU H 43 -8.78 -29.02 14.40
C GLU H 43 -10.27 -29.35 14.40
N GLY H 44 -11.09 -28.31 14.53
CA GLY H 44 -12.54 -28.47 14.50
C GLY H 44 -13.15 -29.06 15.75
N VAL H 45 -12.37 -29.25 16.81
CA VAL H 45 -12.83 -29.84 18.05
C VAL H 45 -12.75 -28.78 19.14
N PHE H 46 -13.79 -28.67 19.94
CA PHE H 46 -13.80 -27.72 21.05
C PHE H 46 -13.45 -28.47 22.32
N HIS H 47 -12.42 -28.01 23.01
CA HIS H 47 -11.94 -28.65 24.24
C HIS H 47 -12.17 -27.71 25.41
N THR H 48 -12.77 -28.24 26.48
CA THR H 48 -12.88 -27.50 27.73
C THR H 48 -12.92 -28.52 28.86
N MET H 49 -13.23 -28.05 30.07
CA MET H 49 -13.30 -28.92 31.23
C MET H 49 -14.74 -29.38 31.45
N TRP H 50 -14.89 -30.63 31.87
CA TRP H 50 -16.22 -31.22 32.00
C TRP H 50 -17.13 -30.39 32.91
N HIS H 51 -16.59 -29.92 34.04
CA HIS H 51 -17.44 -29.20 34.97
C HIS H 51 -17.90 -27.83 34.46
N VAL H 52 -17.32 -27.35 33.35
CA VAL H 52 -17.77 -26.07 32.80
C VAL H 52 -19.12 -26.24 32.13
N THR H 53 -19.26 -27.24 31.26
CA THR H 53 -20.47 -27.47 30.49
C THR H 53 -21.30 -28.64 31.03
N LYS H 54 -20.67 -29.60 31.69
CA LYS H 54 -21.34 -30.79 32.20
C LYS H 54 -22.07 -31.53 31.09
N GLY H 55 -21.44 -31.59 29.91
CA GLY H 55 -22.00 -32.31 28.80
C GLY H 55 -23.15 -31.64 28.10
N ALA H 56 -23.48 -30.41 28.46
CA ALA H 56 -24.57 -29.70 27.81
C ALA H 56 -24.16 -29.28 26.40
N ALA H 57 -25.15 -29.16 25.52
CA ALA H 57 -24.90 -28.67 24.17
C ALA H 57 -24.51 -27.19 24.20
N LEU H 58 -23.77 -26.78 23.18
CA LEU H 58 -23.22 -25.43 23.12
C LEU H 58 -23.68 -24.73 21.85
N ARG H 59 -24.28 -23.55 22.02
CA ARG H 59 -24.53 -22.66 20.90
C ARG H 59 -23.22 -22.11 20.35
N SER H 60 -23.26 -21.73 19.08
CA SER H 60 -22.08 -21.23 18.39
C SER H 60 -22.55 -20.58 17.10
N GLY H 61 -21.65 -19.80 16.49
CA GLY H 61 -21.96 -19.21 15.19
C GLY H 61 -22.15 -20.24 14.10
N GLU H 62 -21.60 -21.45 14.29
CA GLU H 62 -21.76 -22.54 13.36
C GLU H 62 -22.89 -23.47 13.74
N GLY H 63 -23.73 -23.08 14.69
CA GLY H 63 -24.82 -23.91 15.14
C GLY H 63 -24.45 -24.76 16.34
N ARG H 64 -25.35 -25.68 16.64
CA ARG H 64 -25.23 -26.56 17.79
C ARG H 64 -23.93 -27.36 17.74
N LEU H 65 -23.26 -27.44 18.90
CA LEU H 65 -22.09 -28.29 19.07
C LEU H 65 -22.41 -29.36 20.08
N ASP H 66 -22.12 -30.61 19.74
CA ASP H 66 -22.48 -31.71 20.61
C ASP H 66 -21.24 -32.34 21.24
N PRO H 67 -21.34 -32.84 22.47
CA PRO H 67 -20.19 -33.49 23.10
C PRO H 67 -19.87 -34.81 22.41
N TYR H 68 -18.58 -35.04 22.22
CA TYR H 68 -18.10 -36.25 21.57
C TYR H 68 -17.41 -37.20 22.54
N TRP H 69 -16.62 -36.68 23.48
CA TRP H 69 -15.93 -37.49 24.47
C TRP H 69 -15.96 -36.74 25.80
N GLY H 70 -16.03 -37.50 26.89
CA GLY H 70 -16.07 -36.92 28.22
C GLY H 70 -15.45 -37.85 29.24
N ASP H 71 -14.86 -37.26 30.28
CA ASP H 71 -14.23 -38.01 31.36
C ASP H 71 -14.35 -37.17 32.62
N VAL H 72 -15.22 -37.58 33.54
CA VAL H 72 -15.49 -36.78 34.72
C VAL H 72 -14.27 -36.71 35.63
N LYS H 73 -13.57 -37.83 35.79
CA LYS H 73 -12.40 -37.85 36.68
C LYS H 73 -11.28 -36.99 36.12
N GLN H 74 -11.05 -37.06 34.80
CA GLN H 74 -10.10 -36.16 34.17
C GLN H 74 -10.63 -34.74 34.08
N ASP H 75 -11.94 -34.56 34.25
CA ASP H 75 -12.59 -33.26 34.15
C ASP H 75 -12.34 -32.62 32.78
N LEU H 76 -12.49 -33.43 31.73
CA LEU H 76 -12.27 -32.98 30.37
C LEU H 76 -13.46 -33.36 29.50
N VAL H 77 -13.66 -32.58 28.44
CA VAL H 77 -14.72 -32.85 27.47
C VAL H 77 -14.32 -32.27 26.13
N SER H 78 -14.75 -32.92 25.05
CA SER H 78 -14.42 -32.54 23.69
C SER H 78 -15.70 -32.54 22.86
N TYR H 79 -15.85 -31.53 22.03
CA TYR H 79 -17.04 -31.34 21.21
C TYR H 79 -16.67 -31.51 19.74
N CYS H 80 -17.56 -32.16 18.99
CA CYS H 80 -17.52 -32.35 17.55
C CYS H 80 -16.48 -33.39 17.11
N GLY H 81 -15.64 -33.87 18.02
CA GLY H 81 -14.63 -34.84 17.66
C GLY H 81 -13.85 -35.30 18.87
N PRO H 82 -12.93 -36.24 18.68
CA PRO H 82 -12.12 -36.73 19.80
C PRO H 82 -11.14 -35.67 20.27
N TRP H 83 -10.68 -35.85 21.51
CA TRP H 83 -9.70 -34.95 22.09
C TRP H 83 -8.46 -34.86 21.20
N LYS H 84 -8.06 -33.64 20.86
CA LYS H 84 -6.97 -33.43 19.93
C LYS H 84 -5.69 -32.90 20.58
N LEU H 85 -5.76 -32.39 21.80
CA LEU H 85 -4.58 -31.80 22.43
C LEU H 85 -3.70 -32.88 23.02
N ASP H 86 -2.41 -32.86 22.66
CA ASP H 86 -1.51 -33.92 23.09
C ASP H 86 -0.15 -33.43 23.57
N ALA H 87 0.24 -32.19 23.32
CA ALA H 87 1.52 -31.70 23.79
C ALA H 87 1.59 -31.81 25.31
N ALA H 88 2.80 -32.03 25.81
CA ALA H 88 3.00 -32.29 27.23
C ALA H 88 4.09 -31.39 27.79
N TRP H 89 3.95 -31.04 29.07
CA TRP H 89 5.02 -30.32 29.76
C TRP H 89 6.24 -31.23 29.85
N ASP H 90 7.40 -30.69 29.46
CA ASP H 90 8.65 -31.45 29.46
C ASP H 90 9.12 -31.82 30.86
N GLY H 91 8.59 -31.18 31.90
CA GLY H 91 9.09 -31.37 33.24
C GLY H 91 10.24 -30.47 33.65
N LEU H 92 10.69 -29.60 32.77
CA LEU H 92 11.81 -28.71 33.07
C LEU H 92 11.55 -27.26 32.76
N SER H 93 10.85 -26.96 31.67
CA SER H 93 10.80 -25.62 31.12
C SER H 93 9.62 -24.82 31.66
N GLU H 94 9.72 -23.50 31.49
CA GLU H 94 8.66 -22.61 31.89
C GLU H 94 7.53 -22.64 30.88
N VAL H 95 6.32 -22.42 31.37
CA VAL H 95 5.11 -22.46 30.57
C VAL H 95 4.35 -21.15 30.75
N GLN H 96 3.34 -20.94 29.92
CA GLN H 96 2.50 -19.75 30.01
C GLN H 96 1.04 -20.12 30.09
N LEU H 97 0.35 -19.57 31.08
CA LEU H 97 -1.11 -19.64 31.13
C LEU H 97 -1.67 -18.46 30.35
N LEU H 98 -2.53 -18.76 29.38
CA LEU H 98 -3.27 -17.72 28.67
C LEU H 98 -4.61 -17.60 29.39
N ALA H 99 -4.60 -16.82 30.47
CA ALA H 99 -5.78 -16.68 31.30
C ALA H 99 -6.82 -15.82 30.60
N VAL H 100 -8.05 -16.33 30.56
CA VAL H 100 -9.18 -15.59 29.99
C VAL H 100 -10.23 -15.45 31.09
N PRO H 101 -10.09 -14.50 32.00
CA PRO H 101 -10.97 -14.44 33.16
C PRO H 101 -12.28 -13.75 32.82
N PRO H 102 -13.35 -14.02 33.58
CA PRO H 102 -14.63 -13.37 33.32
C PRO H 102 -14.53 -11.85 33.42
N GLY H 103 -15.07 -11.17 32.41
CA GLY H 103 -15.13 -9.72 32.39
C GLY H 103 -13.78 -9.03 32.36
N GLU H 104 -12.72 -9.80 32.14
CA GLU H 104 -11.38 -9.26 32.12
C GLU H 104 -10.68 -9.61 30.83
N ARG H 105 -9.59 -8.91 30.59
CA ARG H 105 -8.84 -9.04 29.37
C ARG H 105 -7.93 -10.27 29.43
N ALA H 106 -7.78 -10.94 28.29
CA ALA H 106 -6.92 -12.12 28.23
C ALA H 106 -5.48 -11.73 28.55
N LYS H 107 -4.80 -12.57 29.32
CA LYS H 107 -3.46 -12.25 29.80
C LYS H 107 -2.57 -13.48 29.74
N ASN H 108 -1.34 -13.28 29.26
CA ASN H 108 -0.31 -14.31 29.30
C ASN H 108 0.50 -14.19 30.59
N ILE H 109 0.58 -15.29 31.32
CA ILE H 109 1.32 -15.35 32.58
C ILE H 109 2.30 -16.50 32.49
N GLN H 110 3.59 -16.20 32.59
CA GLN H 110 4.63 -17.19 32.52
C GLN H 110 5.00 -17.67 33.92
N THR H 111 5.26 -18.97 34.05
CA THR H 111 5.56 -19.55 35.36
C THR H 111 6.33 -20.84 35.15
N LEU H 112 7.05 -21.25 36.20
CA LEU H 112 7.68 -22.55 36.24
C LEU H 112 6.78 -23.49 37.01
N PRO H 113 6.21 -24.52 36.39
CA PRO H 113 5.20 -25.33 37.07
C PRO H 113 5.78 -26.11 38.24
N GLY H 114 4.92 -26.34 39.23
CA GLY H 114 5.19 -27.31 40.27
C GLY H 114 4.70 -28.68 39.87
N ILE H 115 4.45 -29.51 40.86
CA ILE H 115 4.01 -30.89 40.62
C ILE H 115 3.00 -31.29 41.68
N PHE H 116 1.95 -31.98 41.24
CA PHE H 116 1.10 -32.76 42.13
C PHE H 116 1.71 -34.16 42.27
N LYS H 117 1.90 -34.60 43.51
CA LYS H 117 2.48 -35.92 43.79
C LYS H 117 1.34 -36.90 44.05
N THR H 118 1.00 -37.69 43.04
CA THR H 118 -0.11 -38.63 43.09
C THR H 118 0.41 -40.06 43.21
N LYS H 119 -0.40 -40.92 43.83
CA LYS H 119 -0.07 -42.35 43.90
C LYS H 119 -0.05 -43.01 42.52
N ASP H 120 -0.43 -42.29 41.46
CA ASP H 120 -0.44 -42.82 40.12
C ASP H 120 0.58 -42.14 39.22
N GLY H 121 1.36 -41.22 39.75
CA GLY H 121 2.40 -40.56 38.99
C GLY H 121 2.52 -39.12 39.42
N ASP H 122 3.17 -38.33 38.58
CA ASP H 122 3.39 -36.91 38.83
C ASP H 122 2.69 -36.13 37.74
N ILE H 123 2.15 -34.97 38.11
CA ILE H 123 1.46 -34.10 37.17
C ILE H 123 1.91 -32.67 37.45
N GLY H 124 2.26 -31.95 36.40
CA GLY H 124 2.62 -30.56 36.57
C GLY H 124 1.45 -29.74 37.08
N ALA H 125 1.76 -28.64 37.72
CA ALA H 125 0.75 -27.80 38.34
C ALA H 125 1.26 -26.37 38.38
N VAL H 126 0.38 -25.43 38.05
CA VAL H 126 0.73 -24.01 38.01
C VAL H 126 0.14 -23.34 39.22
N ALA H 127 0.95 -22.53 39.90
CA ALA H 127 0.50 -21.78 41.08
C ALA H 127 0.08 -20.38 40.64
N LEU H 128 -1.04 -20.36 39.93
CA LEU H 128 -1.64 -19.13 39.41
C LEU H 128 -3.12 -19.15 39.78
N ASP H 129 -3.59 -18.07 40.38
CA ASP H 129 -4.90 -18.02 41.03
C ASP H 129 -5.82 -17.13 40.22
N TYR H 130 -6.88 -17.70 39.68
CA TYR H 130 -7.84 -16.97 38.85
C TYR H 130 -9.25 -17.41 39.22
N PRO H 131 -10.23 -16.51 39.09
CA PRO H 131 -11.54 -16.74 39.72
C PRO H 131 -12.35 -17.79 38.95
N ALA H 132 -13.42 -18.23 39.60
CA ALA H 132 -14.35 -19.15 38.96
C ALA H 132 -14.77 -18.61 37.60
N GLY H 133 -14.74 -19.48 36.61
CA GLY H 133 -14.98 -19.08 35.25
C GLY H 133 -13.74 -19.04 34.39
N THR H 134 -12.55 -19.12 34.97
CA THR H 134 -11.35 -19.17 34.14
C THR H 134 -11.02 -20.58 33.70
N SER H 135 -11.74 -21.58 34.21
CA SER H 135 -11.49 -22.97 33.85
C SER H 135 -11.55 -23.17 32.35
N GLY H 136 -10.61 -23.97 31.84
CA GLY H 136 -10.50 -24.21 30.43
C GLY H 136 -9.50 -23.33 29.72
N SER H 137 -8.93 -22.36 30.42
CA SER H 137 -7.91 -21.51 29.80
C SER H 137 -6.71 -22.35 29.41
N PRO H 138 -6.14 -22.13 28.23
CA PRO H 138 -5.04 -22.98 27.76
C PRO H 138 -3.72 -22.65 28.43
N ILE H 139 -2.94 -23.70 28.69
CA ILE H 139 -1.56 -23.58 29.13
C ILE H 139 -0.68 -24.00 27.97
N LEU H 140 0.34 -23.20 27.66
CA LEU H 140 1.16 -23.40 26.48
C LEU H 140 2.61 -23.67 26.84
N ASP H 141 3.32 -24.27 25.90
CA ASP H 141 4.77 -24.36 25.91
C ASP H 141 5.33 -23.27 25.01
N LYS H 142 6.67 -23.23 24.91
CA LYS H 142 7.33 -22.13 24.22
C LYS H 142 7.02 -22.07 22.73
N CYS H 143 6.33 -23.07 22.17
CA CYS H 143 5.92 -23.03 20.78
C CYS H 143 4.45 -22.64 20.62
N GLY H 144 3.72 -22.48 21.70
CA GLY H 144 2.31 -22.16 21.60
C GLY H 144 1.38 -23.35 21.55
N ARG H 145 1.87 -24.55 21.78
CA ARG H 145 1.01 -25.72 21.81
C ARG H 145 0.37 -25.85 23.18
N VAL H 146 -0.92 -26.18 23.20
CA VAL H 146 -1.65 -26.32 24.46
C VAL H 146 -1.18 -27.61 25.13
N ILE H 147 -0.42 -27.48 26.21
CA ILE H 147 0.00 -28.66 26.97
C ILE H 147 -1.01 -29.04 28.04
N GLY H 148 -2.11 -28.32 28.18
CA GLY H 148 -3.12 -28.65 29.16
C GLY H 148 -4.07 -27.50 29.36
N LEU H 149 -5.12 -27.78 30.13
CA LEU H 149 -6.14 -26.81 30.46
C LEU H 149 -6.09 -26.44 31.94
N TYR H 150 -6.38 -25.18 32.23
CA TYR H 150 -6.35 -24.66 33.58
C TYR H 150 -7.72 -24.79 34.24
N GLY H 151 -7.73 -24.95 35.56
CA GLY H 151 -8.97 -24.78 36.28
C GLY H 151 -9.45 -25.97 37.09
N ASN H 152 -8.62 -26.99 37.22
CA ASN H 152 -8.92 -28.10 38.12
C ASN H 152 -7.71 -28.33 39.01
N GLY H 153 -7.88 -28.11 40.30
CA GLY H 153 -6.75 -28.23 41.21
C GLY H 153 -7.14 -28.25 42.67
N VAL H 154 -6.37 -27.54 43.50
CA VAL H 154 -6.59 -27.53 44.93
C VAL H 154 -6.43 -26.11 45.45
N VAL H 155 -7.09 -25.85 46.59
CA VAL H 155 -6.87 -24.62 47.34
C VAL H 155 -5.83 -24.92 48.41
N ILE H 156 -4.75 -24.15 48.42
CA ILE H 156 -3.62 -24.36 49.31
C ILE H 156 -4.01 -23.86 50.70
N LYS H 157 -3.22 -24.25 51.72
CA LYS H 157 -3.55 -23.90 53.09
C LYS H 157 -3.78 -22.39 53.26
N ASN H 158 -2.93 -21.58 52.64
CA ASN H 158 -3.07 -20.13 52.75
C ASN H 158 -4.18 -19.56 51.87
N GLY H 159 -5.05 -20.40 51.32
CA GLY H 159 -6.17 -19.96 50.53
C GLY H 159 -5.89 -19.80 49.04
N SER H 160 -4.63 -19.79 48.64
CA SER H 160 -4.32 -19.65 47.22
C SER H 160 -4.62 -20.95 46.48
N TYR H 161 -4.66 -20.84 45.15
CA TYR H 161 -5.13 -21.90 44.27
C TYR H 161 -4.00 -22.41 43.39
N VAL H 162 -3.87 -23.73 43.31
CA VAL H 162 -2.92 -24.37 42.42
C VAL H 162 -3.71 -25.30 41.50
N SER H 163 -3.55 -25.10 40.19
CA SER H 163 -4.26 -25.87 39.19
C SER H 163 -3.31 -26.89 38.56
N ALA H 164 -3.81 -28.10 38.37
CA ALA H 164 -3.07 -29.08 37.60
C ALA H 164 -3.02 -28.65 36.14
N ILE H 165 -2.00 -29.14 35.43
CA ILE H 165 -1.93 -29.01 33.98
C ILE H 165 -2.65 -30.24 33.45
N THR H 166 -3.96 -30.09 33.22
CA THR H 166 -4.81 -31.20 32.80
C THR H 166 -4.74 -31.37 31.29
N GLN H 167 -4.24 -32.50 30.85
CA GLN H 167 -4.13 -32.82 29.43
C GLN H 167 -4.83 -34.14 29.15
N GLY H 168 -5.43 -34.25 27.96
CA GLY H 168 -6.14 -35.44 27.56
C GLY H 168 -5.28 -36.35 26.71
N LYS H 169 -5.88 -37.48 26.34
CA LYS H 169 -5.22 -38.49 25.51
C LYS H 169 -5.78 -38.39 24.10
N ARG H 170 -4.90 -38.18 23.13
CA ARG H 170 -5.31 -38.08 21.74
C ARG H 170 -5.47 -39.50 21.19
N GLU H 171 -6.71 -39.98 21.15
CA GLU H 171 -7.00 -41.37 20.78
C GLU H 171 -6.50 -41.73 19.38
CL CL I . 13.21 9.56 -23.49
CL CL J . -8.73 -9.78 25.47
#